data_7W8E
# 
_entry.id   7W8E 
# 
_audit_conform.dict_name       mmcif_pdbx.dic 
_audit_conform.dict_version    5.398 
_audit_conform.dict_location   http://mmcif.pdb.org/dictionaries/ascii/mmcif_pdbx.dic 
# 
loop_
_database_2.database_id 
_database_2.database_code 
_database_2.pdbx_database_accession 
_database_2.pdbx_DOI 
PDB   7W8E         pdb_00007w8e 10.2210/pdb7w8e/pdb 
WWPDB D_1300026192 ?            ?                   
# 
loop_
_pdbx_audit_revision_history.ordinal 
_pdbx_audit_revision_history.data_content_type 
_pdbx_audit_revision_history.major_revision 
_pdbx_audit_revision_history.minor_revision 
_pdbx_audit_revision_history.revision_date 
1 'Structure model' 1 0 2022-12-14 
2 'Structure model' 1 1 2024-11-20 
# 
_pdbx_audit_revision_details.ordinal             1 
_pdbx_audit_revision_details.revision_ordinal    1 
_pdbx_audit_revision_details.data_content_type   'Structure model' 
_pdbx_audit_revision_details.provider            repository 
_pdbx_audit_revision_details.type                'Initial release' 
_pdbx_audit_revision_details.description         ? 
_pdbx_audit_revision_details.details             ? 
# 
loop_
_pdbx_audit_revision_group.ordinal 
_pdbx_audit_revision_group.revision_ordinal 
_pdbx_audit_revision_group.data_content_type 
_pdbx_audit_revision_group.group 
1 2 'Structure model' 'Data collection'   
2 2 'Structure model' 'Structure summary' 
# 
loop_
_pdbx_audit_revision_category.ordinal 
_pdbx_audit_revision_category.revision_ordinal 
_pdbx_audit_revision_category.data_content_type 
_pdbx_audit_revision_category.category 
1 2 'Structure model' chem_comp_atom            
2 2 'Structure model' chem_comp_bond            
3 2 'Structure model' pdbx_entry_details        
4 2 'Structure model' pdbx_modification_feature 
# 
_pdbx_audit_revision_item.ordinal             1 
_pdbx_audit_revision_item.revision_ordinal    2 
_pdbx_audit_revision_item.data_content_type   'Structure model' 
_pdbx_audit_revision_item.item                '_pdbx_entry_details.has_protein_modification' 
# 
_pdbx_database_status.status_code                     REL 
_pdbx_database_status.status_code_sf                  REL 
_pdbx_database_status.status_code_mr                  ? 
_pdbx_database_status.entry_id                        7W8E 
_pdbx_database_status.recvd_initial_deposition_date   2021-12-07 
_pdbx_database_status.SG_entry                        N 
_pdbx_database_status.deposit_site                    PDBJ 
_pdbx_database_status.process_site                    PDBJ 
_pdbx_database_status.status_code_cs                  ? 
_pdbx_database_status.status_code_nmr_data            ? 
_pdbx_database_status.methods_development_category    ? 
_pdbx_database_status.pdb_format_compatible           Y 
# 
_pdbx_contact_author.id                 2 
_pdbx_contact_author.email              yoonts@kribb.re.kr 
_pdbx_contact_author.name_first         Tae-Sung 
_pdbx_contact_author.name_last          Yoon 
_pdbx_contact_author.name_mi            ? 
_pdbx_contact_author.role               'principal investigator/group leader' 
_pdbx_contact_author.identifier_ORCID   0000-0002-2898-6137 
# 
loop_
_audit_author.name 
_audit_author.pdbx_ordinal 
_audit_author.identifier_ORCID 
'Kim, T.'  1 0000-0001-5784-865X 
'Yoon, T.' 2 0000-0002-2898-6137 
# 
loop_
_citation.abstract 
_citation.abstract_id_CAS 
_citation.book_id_ISBN 
_citation.book_publisher 
_citation.book_publisher_city 
_citation.book_title 
_citation.coordinate_linkage 
_citation.country 
_citation.database_id_Medline 
_citation.details 
_citation.id 
_citation.journal_abbrev 
_citation.journal_id_ASTM 
_citation.journal_id_CSD 
_citation.journal_id_ISSN 
_citation.journal_full 
_citation.journal_issue 
_citation.journal_volume 
_citation.language 
_citation.page_first 
_citation.page_last 
_citation.title 
_citation.year 
_citation.database_id_CSD 
_citation.pdbx_database_id_DOI 
_citation.pdbx_database_id_PubMed 
_citation.pdbx_database_id_patent 
_citation.unpublished_flag 
? ? ? ? ? ? ? ?  ? ? primary 'To Be Published' ?      0353 ?         ? ? ?   ? ?   ?   'Sweet taste protein Brazzein - R43A' ?    
? ?                               ?        ? ? 
? ? ? ? ? ? ? NE ? ? 1       'FEBS Lett'       FEBLAL 0165 0014-5793 ? ? 355 ? 106 108 
'Brazzein, a new high-potency thermostable sweet protein from Pentadiplandra brazzeana B.' 1994 ? '10.1016/0014-5793(94)01184-2'  
7957951  ? ? 
? ? ? ? ? ? ? ?  ? ? 2       'To be published' ?      0353 ?         ? ? ?   ? ?   ?   'Sweet taste protein Brazzein - R43A' ?    
? ?                               ?        ? ? 
? ? ? ? ? ? ? NE ? ? 3       'FEBS Lett'       FEBLAL 0165 0014-5793 ? ? 544 ? 33  37  
'Critical regions for the sweetness of brazzein.'                                          2003 ? '10.1016/s0014-5793(03)00383-1' 
12782286 ? ? 
# 
loop_
_citation_author.citation_id 
_citation_author.name 
_citation_author.ordinal 
_citation_author.identifier_ORCID 
primary 'Kim, T.'             1  0000-0001-5784-865X 
primary 'Yoon, T.'            2  0000-0002-2898-6137 
1       'Ming, D.'            3  ?                   
1       'Hellekant, G.'       4  ?                   
2       'Kim, T.'             5  ?                   
2       'Yoon, T.'            6  ?                   
3       'Jin, Z.'             7  ?                   
3       'Danilova, V.'        8  ?                   
3       'Assadi-Porter, F.M.' 9  ?                   
3       'Aceti, D.J.'         10 ?                   
3       'Markley, J.L.'       11 ?                   
3       'Hellekant, G.'       12 ?                   
# 
loop_
_entity.id 
_entity.type 
_entity.src_method 
_entity.pdbx_description 
_entity.formula_weight 
_entity.pdbx_number_of_molecules 
_entity.pdbx_ec 
_entity.pdbx_mutation 
_entity.pdbx_fragment 
_entity.details 
1 polymer     man 'Defensin-like protein' 8263.392 1  ? R43A ? ? 
2 non-polymer syn 'SODIUM ION'            22.990   1  ? ?    ? ? 
3 water       nat water                   18.015   49 ? ?    ? ? 
# 
_entity_name_com.entity_id   1 
_entity_name_com.name        Brazzein 
# 
_entity_poly.entity_id                      1 
_entity_poly.type                           'polypeptide(L)' 
_entity_poly.nstd_linkage                   no 
_entity_poly.nstd_monomer                   no 
_entity_poly.pdbx_seq_one_letter_code       MANPRVMDKCKKVYENYPVSKCQLANQCNYDCKLDKHARSGECFYDEKANLQCICDYCEYPLEHHHHHH 
_entity_poly.pdbx_seq_one_letter_code_can   MANPRVMDKCKKVYENYPVSKCQLANQCNYDCKLDKHARSGECFYDEKANLQCICDYCEYPLEHHHHHH 
_entity_poly.pdbx_strand_id                 A 
_entity_poly.pdbx_target_identifier         ? 
# 
loop_
_pdbx_entity_nonpoly.entity_id 
_pdbx_entity_nonpoly.name 
_pdbx_entity_nonpoly.comp_id 
2 'SODIUM ION' NA  
3 water        HOH 
# 
loop_
_entity_poly_seq.entity_id 
_entity_poly_seq.num 
_entity_poly_seq.mon_id 
_entity_poly_seq.hetero 
1 1  MET n 
1 2  ALA n 
1 3  ASN n 
1 4  PRO n 
1 5  ARG n 
1 6  VAL n 
1 7  MET n 
1 8  ASP n 
1 9  LYS n 
1 10 CYS n 
1 11 LYS n 
1 12 LYS n 
1 13 VAL n 
1 14 TYR n 
1 15 GLU n 
1 16 ASN n 
1 17 TYR n 
1 18 PRO n 
1 19 VAL n 
1 20 SER n 
1 21 LYS n 
1 22 CYS n 
1 23 GLN n 
1 24 LEU n 
1 25 ALA n 
1 26 ASN n 
1 27 GLN n 
1 28 CYS n 
1 29 ASN n 
1 30 TYR n 
1 31 ASP n 
1 32 CYS n 
1 33 LYS n 
1 34 LEU n 
1 35 ASP n 
1 36 LYS n 
1 37 HIS n 
1 38 ALA n 
1 39 ARG n 
1 40 SER n 
1 41 GLY n 
1 42 GLU n 
1 43 CYS n 
1 44 PHE n 
1 45 TYR n 
1 46 ASP n 
1 47 GLU n 
1 48 LYS n 
1 49 ALA n 
1 50 ASN n 
1 51 LEU n 
1 52 GLN n 
1 53 CYS n 
1 54 ILE n 
1 55 CYS n 
1 56 ASP n 
1 57 TYR n 
1 58 CYS n 
1 59 GLU n 
1 60 TYR n 
1 61 PRO n 
1 62 LEU n 
1 63 GLU n 
1 64 HIS n 
1 65 HIS n 
1 66 HIS n 
1 67 HIS n 
1 68 HIS n 
1 69 HIS n 
# 
_entity_src_gen.entity_id                          1 
_entity_src_gen.pdbx_src_id                        1 
_entity_src_gen.pdbx_alt_source_flag               sample 
_entity_src_gen.pdbx_seq_type                      'Biological sequence' 
_entity_src_gen.pdbx_beg_seq_num                   1 
_entity_src_gen.pdbx_end_seq_num                   69 
_entity_src_gen.gene_src_common_name               ? 
_entity_src_gen.gene_src_genus                     ? 
_entity_src_gen.pdbx_gene_src_gene                 ? 
_entity_src_gen.gene_src_species                   ? 
_entity_src_gen.gene_src_strain                    ? 
_entity_src_gen.gene_src_tissue                    ? 
_entity_src_gen.gene_src_tissue_fraction           ? 
_entity_src_gen.gene_src_details                   ? 
_entity_src_gen.pdbx_gene_src_fragment             ? 
_entity_src_gen.pdbx_gene_src_scientific_name      'Pentadiplandra brazzeana' 
_entity_src_gen.pdbx_gene_src_ncbi_taxonomy_id     43545 
_entity_src_gen.pdbx_gene_src_variant              ? 
_entity_src_gen.pdbx_gene_src_cell_line            ? 
_entity_src_gen.pdbx_gene_src_atcc                 ? 
_entity_src_gen.pdbx_gene_src_organ                ? 
_entity_src_gen.pdbx_gene_src_organelle            ? 
_entity_src_gen.pdbx_gene_src_cell                 ? 
_entity_src_gen.pdbx_gene_src_cellular_location    ? 
_entity_src_gen.host_org_common_name               ? 
_entity_src_gen.pdbx_host_org_scientific_name      'Escherichia coli BL21(DE3)' 
_entity_src_gen.pdbx_host_org_ncbi_taxonomy_id     469008 
_entity_src_gen.host_org_genus                     ? 
_entity_src_gen.pdbx_host_org_gene                 ? 
_entity_src_gen.pdbx_host_org_organ                ? 
_entity_src_gen.host_org_species                   ? 
_entity_src_gen.pdbx_host_org_tissue               ? 
_entity_src_gen.pdbx_host_org_tissue_fraction      ? 
_entity_src_gen.pdbx_host_org_strain               ? 
_entity_src_gen.pdbx_host_org_variant              ? 
_entity_src_gen.pdbx_host_org_cell_line            ? 
_entity_src_gen.pdbx_host_org_atcc                 ? 
_entity_src_gen.pdbx_host_org_culture_collection   ? 
_entity_src_gen.pdbx_host_org_cell                 ? 
_entity_src_gen.pdbx_host_org_organelle            ? 
_entity_src_gen.pdbx_host_org_cellular_location    ? 
_entity_src_gen.pdbx_host_org_vector_type          ? 
_entity_src_gen.pdbx_host_org_vector               ? 
_entity_src_gen.host_org_details                   ? 
_entity_src_gen.expression_system_id               ? 
_entity_src_gen.plasmid_name                       ? 
_entity_src_gen.plasmid_details                    ? 
_entity_src_gen.pdbx_description                   ? 
# 
loop_
_chem_comp.id 
_chem_comp.type 
_chem_comp.mon_nstd_flag 
_chem_comp.name 
_chem_comp.pdbx_synonyms 
_chem_comp.formula 
_chem_comp.formula_weight 
ALA 'L-peptide linking' y ALANINE         ? 'C3 H7 N O2'     89.093  
ARG 'L-peptide linking' y ARGININE        ? 'C6 H15 N4 O2 1' 175.209 
ASN 'L-peptide linking' y ASPARAGINE      ? 'C4 H8 N2 O3'    132.118 
ASP 'L-peptide linking' y 'ASPARTIC ACID' ? 'C4 H7 N O4'     133.103 
CYS 'L-peptide linking' y CYSTEINE        ? 'C3 H7 N O2 S'   121.158 
GLN 'L-peptide linking' y GLUTAMINE       ? 'C5 H10 N2 O3'   146.144 
GLU 'L-peptide linking' y 'GLUTAMIC ACID' ? 'C5 H9 N O4'     147.129 
GLY 'peptide linking'   y GLYCINE         ? 'C2 H5 N O2'     75.067  
HIS 'L-peptide linking' y HISTIDINE       ? 'C6 H10 N3 O2 1' 156.162 
HOH non-polymer         . WATER           ? 'H2 O'           18.015  
ILE 'L-peptide linking' y ISOLEUCINE      ? 'C6 H13 N O2'    131.173 
LEU 'L-peptide linking' y LEUCINE         ? 'C6 H13 N O2'    131.173 
LYS 'L-peptide linking' y LYSINE          ? 'C6 H15 N2 O2 1' 147.195 
MET 'L-peptide linking' y METHIONINE      ? 'C5 H11 N O2 S'  149.211 
NA  non-polymer         . 'SODIUM ION'    ? 'Na 1'           22.990  
PHE 'L-peptide linking' y PHENYLALANINE   ? 'C9 H11 N O2'    165.189 
PRO 'L-peptide linking' y PROLINE         ? 'C5 H9 N O2'     115.130 
SER 'L-peptide linking' y SERINE          ? 'C3 H7 N O3'     105.093 
TYR 'L-peptide linking' y TYROSINE        ? 'C9 H11 N O3'    181.189 
VAL 'L-peptide linking' y VALINE          ? 'C5 H11 N O2'    117.146 
# 
loop_
_pdbx_poly_seq_scheme.asym_id 
_pdbx_poly_seq_scheme.entity_id 
_pdbx_poly_seq_scheme.seq_id 
_pdbx_poly_seq_scheme.mon_id 
_pdbx_poly_seq_scheme.ndb_seq_num 
_pdbx_poly_seq_scheme.pdb_seq_num 
_pdbx_poly_seq_scheme.auth_seq_num 
_pdbx_poly_seq_scheme.pdb_mon_id 
_pdbx_poly_seq_scheme.auth_mon_id 
_pdbx_poly_seq_scheme.pdb_strand_id 
_pdbx_poly_seq_scheme.pdb_ins_code 
_pdbx_poly_seq_scheme.hetero 
A 1 1  MET 1  -5 ?  ?   ?   A . n 
A 1 2  ALA 2  -4 ?  ?   ?   A . n 
A 1 3  ASN 3  -3 ?  ?   ?   A . n 
A 1 4  PRO 4  -2 ?  ?   ?   A . n 
A 1 5  ARG 5  -1 ?  ?   ?   A . n 
A 1 6  VAL 6  0  0  VAL VAL A . n 
A 1 7  MET 7  1  1  MET MET A . n 
A 1 8  ASP 8  2  2  ASP ASP A . n 
A 1 9  LYS 9  3  3  LYS LYS A . n 
A 1 10 CYS 10 4  4  CYS CYS A . n 
A 1 11 LYS 11 5  5  LYS LYS A . n 
A 1 12 LYS 12 6  6  LYS LYS A . n 
A 1 13 VAL 13 7  7  VAL VAL A . n 
A 1 14 TYR 14 8  8  TYR TYR A . n 
A 1 15 GLU 15 9  9  GLU GLU A . n 
A 1 16 ASN 16 10 10 ASN ASN A . n 
A 1 17 TYR 17 11 11 TYR TYR A . n 
A 1 18 PRO 18 12 12 PRO PRO A . n 
A 1 19 VAL 19 13 13 VAL VAL A . n 
A 1 20 SER 20 14 14 SER SER A . n 
A 1 21 LYS 21 15 15 LYS LYS A . n 
A 1 22 CYS 22 16 16 CYS CYS A . n 
A 1 23 GLN 23 17 17 GLN GLN A . n 
A 1 24 LEU 24 18 18 LEU LEU A . n 
A 1 25 ALA 25 19 19 ALA ALA A . n 
A 1 26 ASN 26 20 20 ASN ASN A . n 
A 1 27 GLN 27 21 21 GLN GLN A . n 
A 1 28 CYS 28 22 22 CYS CYS A . n 
A 1 29 ASN 29 23 23 ASN ASN A . n 
A 1 30 TYR 30 24 24 TYR TYR A . n 
A 1 31 ASP 31 25 25 ASP ASP A . n 
A 1 32 CYS 32 26 26 CYS CYS A . n 
A 1 33 LYS 33 27 27 LYS LYS A . n 
A 1 34 LEU 34 28 28 LEU LEU A . n 
A 1 35 ASP 35 29 29 ASP ASP A . n 
A 1 36 LYS 36 30 30 LYS LYS A . n 
A 1 37 HIS 37 31 31 HIS HIS A . n 
A 1 38 ALA 38 32 32 ALA ALA A . n 
A 1 39 ARG 39 33 33 ARG ARG A . n 
A 1 40 SER 40 34 34 SER SER A . n 
A 1 41 GLY 41 35 35 GLY GLY A . n 
A 1 42 GLU 42 36 36 GLU GLU A . n 
A 1 43 CYS 43 37 37 CYS CYS A . n 
A 1 44 PHE 44 38 38 PHE PHE A . n 
A 1 45 TYR 45 39 39 TYR TYR A . n 
A 1 46 ASP 46 40 40 ASP ASP A . n 
A 1 47 GLU 47 41 41 GLU GLU A . n 
A 1 48 LYS 48 42 42 LYS LYS A . n 
A 1 49 ALA 49 43 43 ALA ALA A . n 
A 1 50 ASN 50 44 44 ASN ASN A . n 
A 1 51 LEU 51 45 45 LEU LEU A . n 
A 1 52 GLN 52 46 46 GLN GLN A . n 
A 1 53 CYS 53 47 47 CYS CYS A . n 
A 1 54 ILE 54 48 48 ILE ILE A . n 
A 1 55 CYS 55 49 49 CYS CYS A . n 
A 1 56 ASP 56 50 50 ASP ASP A . n 
A 1 57 TYR 57 51 51 TYR TYR A . n 
A 1 58 CYS 58 52 52 CYS CYS A . n 
A 1 59 GLU 59 53 53 GLU GLU A . n 
A 1 60 TYR 60 54 54 TYR TYR A . n 
A 1 61 PRO 61 55 ?  ?   ?   A . n 
A 1 62 LEU 62 56 ?  ?   ?   A . n 
A 1 63 GLU 63 57 ?  ?   ?   A . n 
A 1 64 HIS 64 58 ?  ?   ?   A . n 
A 1 65 HIS 65 59 ?  ?   ?   A . n 
A 1 66 HIS 66 60 ?  ?   ?   A . n 
A 1 67 HIS 67 61 ?  ?   ?   A . n 
A 1 68 HIS 68 62 ?  ?   ?   A . n 
A 1 69 HIS 69 63 ?  ?   ?   A . n 
# 
_pdbx_entity_instance_feature.ordinal        1 
_pdbx_entity_instance_feature.comp_id        NA 
_pdbx_entity_instance_feature.asym_id        ? 
_pdbx_entity_instance_feature.seq_num        ? 
_pdbx_entity_instance_feature.auth_comp_id   NA 
_pdbx_entity_instance_feature.auth_asym_id   ? 
_pdbx_entity_instance_feature.auth_seq_num   ? 
_pdbx_entity_instance_feature.feature_type   'SUBJECT OF INVESTIGATION' 
_pdbx_entity_instance_feature.details        ? 
# 
loop_
_pdbx_nonpoly_scheme.asym_id 
_pdbx_nonpoly_scheme.entity_id 
_pdbx_nonpoly_scheme.mon_id 
_pdbx_nonpoly_scheme.ndb_seq_num 
_pdbx_nonpoly_scheme.pdb_seq_num 
_pdbx_nonpoly_scheme.auth_seq_num 
_pdbx_nonpoly_scheme.pdb_mon_id 
_pdbx_nonpoly_scheme.auth_mon_id 
_pdbx_nonpoly_scheme.pdb_strand_id 
_pdbx_nonpoly_scheme.pdb_ins_code 
B 2 NA  1  101 1  NA  NA  A . 
C 3 HOH 1  201 40 HOH HOH A . 
C 3 HOH 2  202 71 HOH HOH A . 
C 3 HOH 3  203 37 HOH HOH A . 
C 3 HOH 4  204 30 HOH HOH A . 
C 3 HOH 5  205 38 HOH HOH A . 
C 3 HOH 6  206 17 HOH HOH A . 
C 3 HOH 7  207 11 HOH HOH A . 
C 3 HOH 8  208 36 HOH HOH A . 
C 3 HOH 9  209 7  HOH HOH A . 
C 3 HOH 10 210 20 HOH HOH A . 
C 3 HOH 11 211 9  HOH HOH A . 
C 3 HOH 12 212 28 HOH HOH A . 
C 3 HOH 13 213 14 HOH HOH A . 
C 3 HOH 14 214 43 HOH HOH A . 
C 3 HOH 15 215 31 HOH HOH A . 
C 3 HOH 16 216 33 HOH HOH A . 
C 3 HOH 17 217 19 HOH HOH A . 
C 3 HOH 18 218 22 HOH HOH A . 
C 3 HOH 19 219 10 HOH HOH A . 
C 3 HOH 20 220 29 HOH HOH A . 
C 3 HOH 21 221 21 HOH HOH A . 
C 3 HOH 22 222 63 HOH HOH A . 
C 3 HOH 23 223 1  HOH HOH A . 
C 3 HOH 24 224 39 HOH HOH A . 
C 3 HOH 25 225 6  HOH HOH A . 
C 3 HOH 26 226 56 HOH HOH A . 
C 3 HOH 27 227 13 HOH HOH A . 
C 3 HOH 28 228 5  HOH HOH A . 
C 3 HOH 29 229 8  HOH HOH A . 
C 3 HOH 30 230 24 HOH HOH A . 
C 3 HOH 31 231 57 HOH HOH A . 
C 3 HOH 32 232 34 HOH HOH A . 
C 3 HOH 33 233 48 HOH HOH A . 
C 3 HOH 34 234 2  HOH HOH A . 
C 3 HOH 35 235 16 HOH HOH A . 
C 3 HOH 36 236 12 HOH HOH A . 
C 3 HOH 37 237 51 HOH HOH A . 
C 3 HOH 38 238 70 HOH HOH A . 
C 3 HOH 39 239 15 HOH HOH A . 
C 3 HOH 40 240 26 HOH HOH A . 
C 3 HOH 41 241 4  HOH HOH A . 
C 3 HOH 42 242 25 HOH HOH A . 
C 3 HOH 43 243 18 HOH HOH A . 
C 3 HOH 44 244 32 HOH HOH A . 
C 3 HOH 45 245 23 HOH HOH A . 
C 3 HOH 46 246 69 HOH HOH A . 
C 3 HOH 47 247 50 HOH HOH A . 
C 3 HOH 48 248 52 HOH HOH A . 
C 3 HOH 49 249 60 HOH HOH A . 
# 
loop_
_software.citation_id 
_software.classification 
_software.compiler_name 
_software.compiler_version 
_software.contact_author 
_software.contact_author_email 
_software.date 
_software.description 
_software.dependencies 
_software.hardware 
_software.language 
_software.location 
_software.mods 
_software.name 
_software.os 
_software.os_version 
_software.type 
_software.version 
_software.pdbx_ordinal 
? refinement        ? ? ? ? ? ? ? ? ? ? ? PHENIX   ? ? ? 1.20.1_4487 1 
? 'data collection' ? ? ? ? ? ? ? ? ? ? ? HKL-2000 ? ? ? .           2 
? 'data scaling'    ? ? ? ? ? ? ? ? ? ? ? HKL-2000 ? ? ? .           3 
? phasing           ? ? ? ? ? ? ? ? ? ? ? PHENIX   ? ? ? .           4 
# 
_cell.angle_alpha                  90.000 
_cell.angle_alpha_esd              ? 
_cell.angle_beta                   90.000 
_cell.angle_beta_esd               ? 
_cell.angle_gamma                  120.000 
_cell.angle_gamma_esd              ? 
_cell.entry_id                     7W8E 
_cell.details                      ? 
_cell.formula_units_Z              ? 
_cell.length_a                     51.634 
_cell.length_a_esd                 ? 
_cell.length_b                     51.634 
_cell.length_b_esd                 ? 
_cell.length_c                     60.618 
_cell.length_c_esd                 ? 
_cell.volume                       139959.949 
_cell.volume_esd                   ? 
_cell.Z_PDB                        6 
_cell.reciprocal_angle_alpha       ? 
_cell.reciprocal_angle_beta        ? 
_cell.reciprocal_angle_gamma       ? 
_cell.reciprocal_angle_alpha_esd   ? 
_cell.reciprocal_angle_beta_esd    ? 
_cell.reciprocal_angle_gamma_esd   ? 
_cell.reciprocal_length_a          ? 
_cell.reciprocal_length_b          ? 
_cell.reciprocal_length_c          ? 
_cell.reciprocal_length_a_esd      ? 
_cell.reciprocal_length_b_esd      ? 
_cell.reciprocal_length_c_esd      ? 
_cell.pdbx_unique_axis             ? 
_cell.pdbx_esd_method              ? 
# 
_symmetry.entry_id                         7W8E 
_symmetry.cell_setting                     ? 
_symmetry.Int_Tables_number                154 
_symmetry.space_group_name_Hall            
;P 32 2"
;
_symmetry.space_group_name_H-M             'P 32 2 1' 
_symmetry.pdbx_full_space_group_name_H-M   ? 
# 
_exptl.absorpt_coefficient_mu     ? 
_exptl.absorpt_correction_T_max   ? 
_exptl.absorpt_correction_T_min   ? 
_exptl.absorpt_correction_type    ? 
_exptl.absorpt_process_details    ? 
_exptl.entry_id                   7W8E 
_exptl.crystals_number            1 
_exptl.details                    ? 
_exptl.method                     'X-RAY DIFFRACTION' 
_exptl.method_details             ? 
# 
_exptl_crystal.colour                       ? 
_exptl_crystal.density_diffrn               ? 
_exptl_crystal.density_Matthews             2.82 
_exptl_crystal.density_method               ? 
_exptl_crystal.density_percent_sol          56.43 
_exptl_crystal.description                  ? 
_exptl_crystal.F_000                        ? 
_exptl_crystal.id                           1 
_exptl_crystal.preparation                  ? 
_exptl_crystal.size_max                     ? 
_exptl_crystal.size_mid                     ? 
_exptl_crystal.size_min                     ? 
_exptl_crystal.size_rad                     ? 
_exptl_crystal.colour_lustre                ? 
_exptl_crystal.colour_modifier              ? 
_exptl_crystal.colour_primary               ? 
_exptl_crystal.density_meas                 ? 
_exptl_crystal.density_meas_esd             ? 
_exptl_crystal.density_meas_gt              ? 
_exptl_crystal.density_meas_lt              ? 
_exptl_crystal.density_meas_temp            ? 
_exptl_crystal.density_meas_temp_esd        ? 
_exptl_crystal.density_meas_temp_gt         ? 
_exptl_crystal.density_meas_temp_lt         ? 
_exptl_crystal.pdbx_crystal_image_url       ? 
_exptl_crystal.pdbx_crystal_image_format    ? 
_exptl_crystal.pdbx_mosaicity               ? 
_exptl_crystal.pdbx_mosaicity_esd           ? 
_exptl_crystal.pdbx_mosaic_method           ? 
_exptl_crystal.pdbx_mosaic_block_size       ? 
_exptl_crystal.pdbx_mosaic_block_size_esd   ? 
# 
_exptl_crystal_grow.apparatus       ? 
_exptl_crystal_grow.atmosphere      ? 
_exptl_crystal_grow.crystal_id      1 
_exptl_crystal_grow.details         ? 
_exptl_crystal_grow.method          'VAPOR DIFFUSION, SITTING DROP' 
_exptl_crystal_grow.method_ref      ? 
_exptl_crystal_grow.pH              4.0 
_exptl_crystal_grow.pressure        ? 
_exptl_crystal_grow.pressure_esd    ? 
_exptl_crystal_grow.seeding         ? 
_exptl_crystal_grow.seeding_ref     ? 
_exptl_crystal_grow.temp_details    ? 
_exptl_crystal_grow.temp_esd        ? 
_exptl_crystal_grow.time            ? 
_exptl_crystal_grow.pdbx_details    '1.5M NaCl, 1M Na-Citrate pH4.0' 
_exptl_crystal_grow.pdbx_pH_range   4.0 
_exptl_crystal_grow.temp            291 
# 
_diffrn.ambient_environment              ? 
_diffrn.ambient_temp                     100 
_diffrn.ambient_temp_details             ? 
_diffrn.ambient_temp_esd                 ? 
_diffrn.crystal_id                       1 
_diffrn.crystal_support                  ? 
_diffrn.crystal_treatment                ? 
_diffrn.details                          ? 
_diffrn.id                               1 
_diffrn.ambient_pressure                 ? 
_diffrn.ambient_pressure_esd             ? 
_diffrn.ambient_pressure_gt              ? 
_diffrn.ambient_pressure_lt              ? 
_diffrn.ambient_temp_gt                  ? 
_diffrn.ambient_temp_lt                  ? 
_diffrn.pdbx_serial_crystal_experiment   N 
# 
_diffrn_detector.details                      ? 
_diffrn_detector.detector                     CCD 
_diffrn_detector.diffrn_id                    1 
_diffrn_detector.type                         'ADSC QUANTUM 315r' 
_diffrn_detector.area_resol_mean              ? 
_diffrn_detector.dtime                        ? 
_diffrn_detector.pdbx_frames_total            ? 
_diffrn_detector.pdbx_collection_time_total   ? 
_diffrn_detector.pdbx_collection_date         2016-08-30 
_diffrn_detector.pdbx_frequency               ? 
# 
_diffrn_radiation.collimation                      ? 
_diffrn_radiation.diffrn_id                        1 
_diffrn_radiation.filter_edge                      ? 
_diffrn_radiation.inhomogeneity                    ? 
_diffrn_radiation.monochromator                    ? 
_diffrn_radiation.polarisn_norm                    ? 
_diffrn_radiation.polarisn_ratio                   ? 
_diffrn_radiation.probe                            ? 
_diffrn_radiation.type                             ? 
_diffrn_radiation.xray_symbol                      ? 
_diffrn_radiation.wavelength_id                    1 
_diffrn_radiation.pdbx_monochromatic_or_laue_m_l   M 
_diffrn_radiation.pdbx_wavelength_list             ? 
_diffrn_radiation.pdbx_wavelength                  ? 
_diffrn_radiation.pdbx_diffrn_protocol             'SINGLE WAVELENGTH' 
_diffrn_radiation.pdbx_analyzer                    ? 
_diffrn_radiation.pdbx_scattering_type             x-ray 
# 
_diffrn_radiation_wavelength.id           1 
_diffrn_radiation_wavelength.wavelength   0.97933 
_diffrn_radiation_wavelength.wt           1.0 
# 
_diffrn_source.current                     ? 
_diffrn_source.details                     ? 
_diffrn_source.diffrn_id                   1 
_diffrn_source.power                       ? 
_diffrn_source.size                        ? 
_diffrn_source.source                      SYNCHROTRON 
_diffrn_source.target                      ? 
_diffrn_source.type                        'PAL/PLS BEAMLINE 7A (6B, 6C1)' 
_diffrn_source.voltage                     ? 
_diffrn_source.take-off_angle              ? 
_diffrn_source.pdbx_wavelength_list        0.97933 
_diffrn_source.pdbx_wavelength             ? 
_diffrn_source.pdbx_synchrotron_beamline   '7A (6B, 6C1)' 
_diffrn_source.pdbx_synchrotron_site       PAL/PLS 
# 
_reflns.B_iso_Wilson_estimate                          13.40 
_reflns.entry_id                                       7W8E 
_reflns.data_reduction_details                         ? 
_reflns.data_reduction_method                          ? 
_reflns.d_resolution_high                              1.34 
_reflns.d_resolution_low                               18.42 
_reflns.details                                        ? 
_reflns.limit_h_max                                    ? 
_reflns.limit_h_min                                    ? 
_reflns.limit_k_max                                    ? 
_reflns.limit_k_min                                    ? 
_reflns.limit_l_max                                    ? 
_reflns.limit_l_min                                    ? 
_reflns.number_all                                     ? 
_reflns.number_obs                                     20107 
_reflns.observed_criterion                             ? 
_reflns.observed_criterion_F_max                       ? 
_reflns.observed_criterion_F_min                       ? 
_reflns.observed_criterion_I_max                       ? 
_reflns.observed_criterion_I_min                       ? 
_reflns.observed_criterion_sigma_F                     ? 
_reflns.observed_criterion_sigma_I                     ? 
_reflns.percent_possible_obs                           94 
_reflns.R_free_details                                 ? 
_reflns.Rmerge_F_all                                   ? 
_reflns.Rmerge_F_obs                                   ? 
_reflns.Friedel_coverage                               ? 
_reflns.number_gt                                      ? 
_reflns.threshold_expression                           ? 
_reflns.pdbx_redundancy                                9.9 
_reflns.pdbx_netI_over_av_sigmaI                       ? 
_reflns.pdbx_netI_over_sigmaI                          23.2 
_reflns.pdbx_res_netI_over_av_sigmaI_2                 ? 
_reflns.pdbx_res_netI_over_sigmaI_2                    ? 
_reflns.pdbx_chi_squared                               ? 
_reflns.pdbx_scaling_rejects                           ? 
_reflns.pdbx_d_res_high_opt                            ? 
_reflns.pdbx_d_res_low_opt                             ? 
_reflns.pdbx_d_res_opt_method                          ? 
_reflns.phase_calculation_details                      ? 
_reflns.pdbx_Rrim_I_all                                0.119 
_reflns.pdbx_Rpim_I_all                                0.039 
_reflns.pdbx_d_opt                                     ? 
_reflns.pdbx_number_measured_all                       ? 
_reflns.pdbx_diffrn_id                                 1 
_reflns.pdbx_ordinal                                   1 
_reflns.pdbx_CC_half                                   0.990 
_reflns.pdbx_CC_star                                   0.997 
_reflns.pdbx_R_split                                   ? 
_reflns.pdbx_Rmerge_I_obs                              0.115 
_reflns.pdbx_Rmerge_I_all                              ? 
_reflns.pdbx_Rsym_value                                ? 
_reflns.pdbx_CC_split_method                           ? 
_reflns.pdbx_aniso_diffraction_limit_axis_1_ortho[1]   ? 
_reflns.pdbx_aniso_diffraction_limit_axis_1_ortho[2]   ? 
_reflns.pdbx_aniso_diffraction_limit_axis_1_ortho[3]   ? 
_reflns.pdbx_aniso_diffraction_limit_axis_2_ortho[1]   ? 
_reflns.pdbx_aniso_diffraction_limit_axis_2_ortho[2]   ? 
_reflns.pdbx_aniso_diffraction_limit_axis_2_ortho[3]   ? 
_reflns.pdbx_aniso_diffraction_limit_axis_3_ortho[1]   ? 
_reflns.pdbx_aniso_diffraction_limit_axis_3_ortho[2]   ? 
_reflns.pdbx_aniso_diffraction_limit_axis_3_ortho[3]   ? 
_reflns.pdbx_aniso_diffraction_limit_1                 ? 
_reflns.pdbx_aniso_diffraction_limit_2                 ? 
_reflns.pdbx_aniso_diffraction_limit_3                 ? 
_reflns.pdbx_aniso_B_tensor_eigenvector_1_ortho[1]     ? 
_reflns.pdbx_aniso_B_tensor_eigenvector_1_ortho[2]     ? 
_reflns.pdbx_aniso_B_tensor_eigenvector_1_ortho[3]     ? 
_reflns.pdbx_aniso_B_tensor_eigenvector_2_ortho[1]     ? 
_reflns.pdbx_aniso_B_tensor_eigenvector_2_ortho[2]     ? 
_reflns.pdbx_aniso_B_tensor_eigenvector_2_ortho[3]     ? 
_reflns.pdbx_aniso_B_tensor_eigenvector_3_ortho[1]     ? 
_reflns.pdbx_aniso_B_tensor_eigenvector_3_ortho[2]     ? 
_reflns.pdbx_aniso_B_tensor_eigenvector_3_ortho[3]     ? 
_reflns.pdbx_aniso_B_tensor_eigenvalue_1               ? 
_reflns.pdbx_aniso_B_tensor_eigenvalue_2               ? 
_reflns.pdbx_aniso_B_tensor_eigenvalue_3               ? 
_reflns.pdbx_orthogonalization_convention              ? 
_reflns.pdbx_percent_possible_ellipsoidal              ? 
_reflns.pdbx_percent_possible_spherical                ? 
_reflns.pdbx_percent_possible_ellipsoidal_anomalous    ? 
_reflns.pdbx_percent_possible_spherical_anomalous      ? 
_reflns.pdbx_redundancy_anomalous                      ? 
_reflns.pdbx_CC_half_anomalous                         ? 
_reflns.pdbx_absDiff_over_sigma_anomalous              ? 
_reflns.pdbx_percent_possible_anomalous                ? 
_reflns.pdbx_observed_signal_threshold                 ? 
_reflns.pdbx_signal_type                               ? 
_reflns.pdbx_signal_details                            ? 
_reflns.pdbx_signal_software_id                        ? 
# 
_reflns_shell.d_res_high                                    1.343 
_reflns_shell.d_res_low                                     1.36 
_reflns_shell.meanI_over_sigI_all                           ? 
_reflns_shell.meanI_over_sigI_obs                           ? 
_reflns_shell.number_measured_all                           ? 
_reflns_shell.number_measured_obs                           ? 
_reflns_shell.number_possible                               ? 
_reflns_shell.number_unique_all                             ? 
_reflns_shell.number_unique_obs                             20107 
_reflns_shell.percent_possible_obs                          ? 
_reflns_shell.Rmerge_F_all                                  ? 
_reflns_shell.Rmerge_F_obs                                  ? 
_reflns_shell.meanI_over_sigI_gt                            ? 
_reflns_shell.meanI_over_uI_all                             ? 
_reflns_shell.meanI_over_uI_gt                              ? 
_reflns_shell.number_measured_gt                            ? 
_reflns_shell.number_unique_gt                              ? 
_reflns_shell.percent_possible_gt                           ? 
_reflns_shell.Rmerge_F_gt                                   ? 
_reflns_shell.Rmerge_I_gt                                   ? 
_reflns_shell.pdbx_redundancy                               ? 
_reflns_shell.pdbx_chi_squared                              ? 
_reflns_shell.pdbx_netI_over_sigmaI_all                     ? 
_reflns_shell.pdbx_netI_over_sigmaI_obs                     ? 
_reflns_shell.pdbx_Rrim_I_all                               0.124 
_reflns_shell.pdbx_Rpim_I_all                               0.055 
_reflns_shell.pdbx_rejects                                  ? 
_reflns_shell.pdbx_ordinal                                  1 
_reflns_shell.pdbx_diffrn_id                                1 
_reflns_shell.pdbx_CC_half                                  ? 
_reflns_shell.pdbx_CC_star                                  ? 
_reflns_shell.pdbx_R_split                                  ? 
_reflns_shell.percent_possible_all                          ? 
_reflns_shell.Rmerge_I_all                                  ? 
_reflns_shell.Rmerge_I_obs                                  ? 
_reflns_shell.pdbx_Rsym_value                               ? 
_reflns_shell.pdbx_percent_possible_ellipsoidal             ? 
_reflns_shell.pdbx_percent_possible_spherical               ? 
_reflns_shell.pdbx_percent_possible_ellipsoidal_anomalous   ? 
_reflns_shell.pdbx_percent_possible_spherical_anomalous     ? 
_reflns_shell.pdbx_redundancy_anomalous                     ? 
_reflns_shell.pdbx_CC_half_anomalous                        ? 
_reflns_shell.pdbx_absDiff_over_sigma_anomalous             ? 
_reflns_shell.pdbx_percent_possible_anomalous               ? 
# 
_refine.aniso_B[1][1]                            ? 
_refine.aniso_B[1][2]                            ? 
_refine.aniso_B[1][3]                            ? 
_refine.aniso_B[2][2]                            ? 
_refine.aniso_B[2][3]                            ? 
_refine.aniso_B[3][3]                            ? 
_refine.B_iso_max                                ? 
_refine.B_iso_mean                               18.11 
_refine.B_iso_min                                ? 
_refine.correlation_coeff_Fo_to_Fc               ? 
_refine.correlation_coeff_Fo_to_Fc_free          ? 
_refine.details                                  ? 
_refine.diff_density_max                         ? 
_refine.diff_density_max_esd                     ? 
_refine.diff_density_min                         ? 
_refine.diff_density_min_esd                     ? 
_refine.diff_density_rms                         ? 
_refine.diff_density_rms_esd                     ? 
_refine.entry_id                                 7W8E 
_refine.pdbx_refine_id                           'X-RAY DIFFRACTION' 
_refine.ls_abs_structure_details                 ? 
_refine.ls_abs_structure_Flack                   ? 
_refine.ls_abs_structure_Flack_esd               ? 
_refine.ls_abs_structure_Rogers                  ? 
_refine.ls_abs_structure_Rogers_esd              ? 
_refine.ls_d_res_high                            1.34 
_refine.ls_d_res_low                             18.41 
_refine.ls_extinction_coef                       ? 
_refine.ls_extinction_coef_esd                   ? 
_refine.ls_extinction_expression                 ? 
_refine.ls_extinction_method                     ? 
_refine.ls_goodness_of_fit_all                   ? 
_refine.ls_goodness_of_fit_all_esd               ? 
_refine.ls_goodness_of_fit_obs                   ? 
_refine.ls_goodness_of_fit_obs_esd               ? 
_refine.ls_hydrogen_treatment                    ? 
_refine.ls_matrix_type                           ? 
_refine.ls_number_constraints                    ? 
_refine.ls_number_parameters                     ? 
_refine.ls_number_reflns_all                     ? 
_refine.ls_number_reflns_obs                     20062 
_refine.ls_number_reflns_R_free                  1048 
_refine.ls_number_reflns_R_work                  19014 
_refine.ls_number_restraints                     ? 
_refine.ls_percent_reflns_obs                    94.02 
_refine.ls_percent_reflns_R_free                 5.22 
_refine.ls_R_factor_all                          ? 
_refine.ls_R_factor_obs                          0.2102 
_refine.ls_R_factor_R_free                       0.2253 
_refine.ls_R_factor_R_free_error                 ? 
_refine.ls_R_factor_R_free_error_details         ? 
_refine.ls_R_factor_R_work                       0.2094 
_refine.ls_R_Fsqd_factor_obs                     ? 
_refine.ls_R_I_factor_obs                        ? 
_refine.ls_redundancy_reflns_all                 ? 
_refine.ls_redundancy_reflns_obs                 ? 
_refine.ls_restrained_S_all                      ? 
_refine.ls_restrained_S_obs                      ? 
_refine.ls_shift_over_esd_max                    ? 
_refine.ls_shift_over_esd_mean                   ? 
_refine.ls_structure_factor_coef                 ? 
_refine.ls_weighting_details                     ? 
_refine.ls_weighting_scheme                      ? 
_refine.ls_wR_factor_all                         ? 
_refine.ls_wR_factor_obs                         ? 
_refine.ls_wR_factor_R_free                      ? 
_refine.ls_wR_factor_R_work                      ? 
_refine.occupancy_max                            ? 
_refine.occupancy_min                            ? 
_refine.solvent_model_details                    'FLAT BULK SOLVENT MODEL' 
_refine.solvent_model_param_bsol                 ? 
_refine.solvent_model_param_ksol                 ? 
_refine.pdbx_R_complete                          ? 
_refine.ls_R_factor_gt                           ? 
_refine.ls_goodness_of_fit_gt                    ? 
_refine.ls_goodness_of_fit_ref                   ? 
_refine.ls_shift_over_su_max                     ? 
_refine.ls_shift_over_su_max_lt                  ? 
_refine.ls_shift_over_su_mean                    ? 
_refine.ls_shift_over_su_mean_lt                 ? 
_refine.pdbx_ls_sigma_I                          ? 
_refine.pdbx_ls_sigma_F                          1.34 
_refine.pdbx_ls_sigma_Fsqd                       ? 
_refine.pdbx_data_cutoff_high_absF               ? 
_refine.pdbx_data_cutoff_high_rms_absF           ? 
_refine.pdbx_data_cutoff_low_absF                ? 
_refine.pdbx_isotropic_thermal_model             ? 
_refine.pdbx_ls_cross_valid_method               'FREE R-VALUE' 
_refine.pdbx_method_to_determine_struct          'MOLECULAR REPLACEMENT' 
_refine.pdbx_starting_model                      4heq 
_refine.pdbx_stereochemistry_target_values       'GeoStd + Monomer Library + CDL v1.2' 
_refine.pdbx_R_Free_selection_details            ? 
_refine.pdbx_stereochem_target_val_spec_case     ? 
_refine.pdbx_overall_ESU_R                       ? 
_refine.pdbx_overall_ESU_R_Free                  ? 
_refine.pdbx_solvent_vdw_probe_radii             1.1000 
_refine.pdbx_solvent_ion_probe_radii             ? 
_refine.pdbx_solvent_shrinkage_radii             0.9000 
_refine.pdbx_real_space_R                        ? 
_refine.pdbx_density_correlation                 ? 
_refine.pdbx_pd_number_of_powder_patterns        ? 
_refine.pdbx_pd_number_of_points                 ? 
_refine.pdbx_pd_meas_number_of_points            ? 
_refine.pdbx_pd_proc_ls_prof_R_factor            ? 
_refine.pdbx_pd_proc_ls_prof_wR_factor           ? 
_refine.pdbx_pd_Marquardt_correlation_coeff      ? 
_refine.pdbx_pd_Fsqrd_R_factor                   ? 
_refine.pdbx_pd_ls_matrix_band_width             ? 
_refine.pdbx_overall_phase_error                 20.1645 
_refine.pdbx_overall_SU_R_free_Cruickshank_DPI   ? 
_refine.pdbx_overall_SU_R_free_Blow_DPI          ? 
_refine.pdbx_overall_SU_R_Blow_DPI               ? 
_refine.pdbx_TLS_residual_ADP_flag               ? 
_refine.pdbx_diffrn_id                           1 
_refine.overall_SU_B                             ? 
_refine.overall_SU_ML                            0.1131 
_refine.overall_SU_R_Cruickshank_DPI             ? 
_refine.overall_SU_R_free                        ? 
_refine.overall_FOM_free_R_set                   ? 
_refine.overall_FOM_work_R_set                   ? 
_refine.pdbx_average_fsc_overall                 ? 
_refine.pdbx_average_fsc_work                    ? 
_refine.pdbx_average_fsc_free                    ? 
# 
_refine_hist.pdbx_refine_id                   'X-RAY DIFFRACTION' 
_refine_hist.cycle_id                         LAST 
_refine_hist.details                          ? 
_refine_hist.d_res_high                       1.34 
_refine_hist.d_res_low                        18.41 
_refine_hist.number_atoms_solvent             49 
_refine_hist.number_atoms_total               499 
_refine_hist.number_reflns_all                ? 
_refine_hist.number_reflns_obs                ? 
_refine_hist.number_reflns_R_free             ? 
_refine_hist.number_reflns_R_work             ? 
_refine_hist.R_factor_all                     ? 
_refine_hist.R_factor_obs                     ? 
_refine_hist.R_factor_R_free                  ? 
_refine_hist.R_factor_R_work                  ? 
_refine_hist.pdbx_number_residues_total       ? 
_refine_hist.pdbx_B_iso_mean_ligand           ? 
_refine_hist.pdbx_B_iso_mean_solvent          ? 
_refine_hist.pdbx_number_atoms_protein        449 
_refine_hist.pdbx_number_atoms_nucleic_acid   0 
_refine_hist.pdbx_number_atoms_ligand         1 
_refine_hist.pdbx_number_atoms_lipid          ? 
_refine_hist.pdbx_number_atoms_carb           ? 
_refine_hist.pdbx_pseudo_atom_details         ? 
# 
loop_
_refine_ls_restr.pdbx_refine_id 
_refine_ls_restr.criterion 
_refine_ls_restr.dev_ideal 
_refine_ls_restr.dev_ideal_target 
_refine_ls_restr.number 
_refine_ls_restr.rejects 
_refine_ls_restr.type 
_refine_ls_restr.weight 
_refine_ls_restr.pdbx_restraint_function 
'X-RAY DIFFRACTION' ? 0.0063 ? 457 ? f_bond_d           ? ? 
'X-RAY DIFFRACTION' ? 0.8807 ? 612 ? f_angle_d          ? ? 
'X-RAY DIFFRACTION' ? 0.0806 ? 61  ? f_chiral_restr     ? ? 
'X-RAY DIFFRACTION' ? 0.0053 ? 80  ? f_plane_restr      ? ? 
'X-RAY DIFFRACTION' ? 5.5099 ? 61  ? f_dihedral_angle_d ? ? 
# 
loop_
_refine_ls_shell.pdbx_refine_id 
_refine_ls_shell.d_res_high 
_refine_ls_shell.d_res_low 
_refine_ls_shell.number_reflns_all 
_refine_ls_shell.number_reflns_obs 
_refine_ls_shell.number_reflns_R_free 
_refine_ls_shell.number_reflns_R_work 
_refine_ls_shell.percent_reflns_obs 
_refine_ls_shell.percent_reflns_R_free 
_refine_ls_shell.R_factor_all 
_refine_ls_shell.R_factor_obs 
_refine_ls_shell.R_factor_R_free_error 
_refine_ls_shell.R_factor_R_work 
_refine_ls_shell.redundancy_reflns_all 
_refine_ls_shell.redundancy_reflns_obs 
_refine_ls_shell.wR_factor_all 
_refine_ls_shell.wR_factor_obs 
_refine_ls_shell.wR_factor_R_free 
_refine_ls_shell.wR_factor_R_work 
_refine_ls_shell.pdbx_R_complete 
_refine_ls_shell.pdbx_total_number_of_bins_used 
_refine_ls_shell.pdbx_phase_error 
_refine_ls_shell.pdbx_fsc_work 
_refine_ls_shell.pdbx_fsc_free 
_refine_ls_shell.R_factor_R_free 
'X-RAY DIFFRACTION' 1.34 1.41  . . 158 2837 100.00 . . . . 0.2224 . . . . . . . . . . . 0.2217 
'X-RAY DIFFRACTION' 1.41 1.50  . . 155 2852 99.93  . . . . 0.2070 . . . . . . . . . . . 0.2545 
'X-RAY DIFFRACTION' 1.50 1.62  . . 161 2865 99.77  . . . . 0.1955 . . . . . . . . . . . 0.2096 
'X-RAY DIFFRACTION' 1.62 1.78  . . 168 2836 99.83  . . . . 0.1914 . . . . . . . . . . . 0.1826 
'X-RAY DIFFRACTION' 1.78 2.04  . . 147 2884 99.74  . . . . 0.1953 . . . . . . . . . . . 0.2253 
'X-RAY DIFFRACTION' 2.04 2.57  . . 160 2868 99.12  . . . . 0.1915 . . . . . . . . . . . 0.2030 
'X-RAY DIFFRACTION' 2.57 18.41 . . 99  1872 61.67  . . . . 0.2554 . . . . . . . . . . . 0.2807 
# 
_struct.entry_id                     7W8E 
_struct.title                        'Sweet taste protein Brazzein - R43A' 
_struct.pdbx_model_details           ? 
_struct.pdbx_formula_weight          ? 
_struct.pdbx_formula_weight_method   ? 
_struct.pdbx_model_type_details      ? 
_struct.pdbx_CASP_flag               N 
# 
_struct_keywords.entry_id        7W8E 
_struct_keywords.text            'Sweet taste Protein, Artficial sweetner, PLANT PROTEIN' 
_struct_keywords.pdbx_keywords   'PLANT PROTEIN' 
# 
loop_
_struct_asym.id 
_struct_asym.pdbx_blank_PDB_chainid_flag 
_struct_asym.pdbx_modified 
_struct_asym.entity_id 
_struct_asym.details 
A N N 1 ? 
B N N 2 ? 
C N N 3 ? 
# 
_struct_ref.id                         1 
_struct_ref.db_name                    UNP 
_struct_ref.db_code                    DEF_PENBA 
_struct_ref.pdbx_db_accession          P56552 
_struct_ref.pdbx_db_isoform            ? 
_struct_ref.entity_id                  1 
_struct_ref.pdbx_seq_one_letter_code   QDKCKKVYENYPVSKCQLANQCNYDCKLDKHARSGECFYDEKRNLQCICDYCEY 
_struct_ref.pdbx_align_begin           1 
# 
_struct_ref_seq.align_id                      1 
_struct_ref_seq.ref_id                        1 
_struct_ref_seq.pdbx_PDB_id_code              7W8E 
_struct_ref_seq.pdbx_strand_id                A 
_struct_ref_seq.seq_align_beg                 7 
_struct_ref_seq.pdbx_seq_align_beg_ins_code   ? 
_struct_ref_seq.seq_align_end                 60 
_struct_ref_seq.pdbx_seq_align_end_ins_code   ? 
_struct_ref_seq.pdbx_db_accession             P56552 
_struct_ref_seq.db_align_beg                  1 
_struct_ref_seq.pdbx_db_align_beg_ins_code    ? 
_struct_ref_seq.db_align_end                  54 
_struct_ref_seq.pdbx_db_align_end_ins_code    ? 
_struct_ref_seq.pdbx_auth_seq_align_beg       1 
_struct_ref_seq.pdbx_auth_seq_align_end       54 
# 
loop_
_struct_ref_seq_dif.align_id 
_struct_ref_seq_dif.pdbx_pdb_id_code 
_struct_ref_seq_dif.mon_id 
_struct_ref_seq_dif.pdbx_pdb_strand_id 
_struct_ref_seq_dif.seq_num 
_struct_ref_seq_dif.pdbx_pdb_ins_code 
_struct_ref_seq_dif.pdbx_seq_db_name 
_struct_ref_seq_dif.pdbx_seq_db_accession_code 
_struct_ref_seq_dif.db_mon_id 
_struct_ref_seq_dif.pdbx_seq_db_seq_num 
_struct_ref_seq_dif.details 
_struct_ref_seq_dif.pdbx_auth_seq_num 
_struct_ref_seq_dif.pdbx_ordinal 
1 7W8E MET A 1  ? UNP P56552 ?   ?  'initiating methionine' -5 1  
1 7W8E ALA A 2  ? UNP P56552 ?   ?  'expression tag'        -4 2  
1 7W8E ASN A 3  ? UNP P56552 ?   ?  'expression tag'        -3 3  
1 7W8E PRO A 4  ? UNP P56552 ?   ?  'expression tag'        -2 4  
1 7W8E ARG A 5  ? UNP P56552 ?   ?  'expression tag'        -1 5  
1 7W8E VAL A 6  ? UNP P56552 ?   ?  'expression tag'        0  6  
1 7W8E MET A 7  ? UNP P56552 GLN 1  conflict                1  7  
1 7W8E ALA A 49 ? UNP P56552 ARG 43 'engineered mutation'   43 8  
1 7W8E PRO A 61 ? UNP P56552 ?   ?  'expression tag'        55 9  
1 7W8E LEU A 62 ? UNP P56552 ?   ?  'expression tag'        56 10 
1 7W8E GLU A 63 ? UNP P56552 ?   ?  'expression tag'        57 11 
1 7W8E HIS A 64 ? UNP P56552 ?   ?  'expression tag'        58 12 
1 7W8E HIS A 65 ? UNP P56552 ?   ?  'expression tag'        59 13 
1 7W8E HIS A 66 ? UNP P56552 ?   ?  'expression tag'        60 14 
1 7W8E HIS A 67 ? UNP P56552 ?   ?  'expression tag'        61 15 
1 7W8E HIS A 68 ? UNP P56552 ?   ?  'expression tag'        62 16 
1 7W8E HIS A 69 ? UNP P56552 ?   ?  'expression tag'        63 17 
# 
_pdbx_struct_assembly.id                   1 
_pdbx_struct_assembly.details              author_and_software_defined_assembly 
_pdbx_struct_assembly.method_details       PISA 
_pdbx_struct_assembly.oligomeric_details   monomeric 
_pdbx_struct_assembly.oligomeric_count     1 
# 
loop_
_pdbx_struct_assembly_prop.biol_id 
_pdbx_struct_assembly_prop.type 
_pdbx_struct_assembly_prop.value 
_pdbx_struct_assembly_prop.details 
1 'ABSA (A^2)' 120  ? 
1 MORE         -7   ? 
1 'SSA (A^2)'  4450 ? 
# 
_pdbx_struct_assembly_gen.assembly_id       1 
_pdbx_struct_assembly_gen.oper_expression   1 
_pdbx_struct_assembly_gen.asym_id_list      A,B,C 
# 
_pdbx_struct_assembly_auth_evidence.id                     1 
_pdbx_struct_assembly_auth_evidence.assembly_id            1 
_pdbx_struct_assembly_auth_evidence.experimental_support   none 
_pdbx_struct_assembly_auth_evidence.details                ? 
# 
_pdbx_struct_oper_list.id                   1 
_pdbx_struct_oper_list.type                 'identity operation' 
_pdbx_struct_oper_list.name                 1_555 
_pdbx_struct_oper_list.symmetry_operation   x,y,z 
_pdbx_struct_oper_list.matrix[1][1]         1.0000000000 
_pdbx_struct_oper_list.matrix[1][2]         0.0000000000 
_pdbx_struct_oper_list.matrix[1][3]         0.0000000000 
_pdbx_struct_oper_list.vector[1]            0.0000000000 
_pdbx_struct_oper_list.matrix[2][1]         0.0000000000 
_pdbx_struct_oper_list.matrix[2][2]         1.0000000000 
_pdbx_struct_oper_list.matrix[2][3]         0.0000000000 
_pdbx_struct_oper_list.vector[2]            0.0000000000 
_pdbx_struct_oper_list.matrix[3][1]         0.0000000000 
_pdbx_struct_oper_list.matrix[3][2]         0.0000000000 
_pdbx_struct_oper_list.matrix[3][3]         1.0000000000 
_pdbx_struct_oper_list.vector[3]            0.0000000000 
# 
loop_
_struct_conf.conf_type_id 
_struct_conf.id 
_struct_conf.pdbx_PDB_helix_id 
_struct_conf.beg_label_comp_id 
_struct_conf.beg_label_asym_id 
_struct_conf.beg_label_seq_id 
_struct_conf.pdbx_beg_PDB_ins_code 
_struct_conf.end_label_comp_id 
_struct_conf.end_label_asym_id 
_struct_conf.end_label_seq_id 
_struct_conf.pdbx_end_PDB_ins_code 
_struct_conf.beg_auth_comp_id 
_struct_conf.beg_auth_asym_id 
_struct_conf.beg_auth_seq_id 
_struct_conf.end_auth_comp_id 
_struct_conf.end_auth_asym_id 
_struct_conf.end_auth_seq_id 
_struct_conf.pdbx_PDB_helix_class 
_struct_conf.details 
_struct_conf.pdbx_PDB_helix_length 
HELX_P HELX_P1 AA1 PRO A 18 ? LEU A 24 ? PRO A 12 LEU A 18 5 ? 7  
HELX_P HELX_P2 AA2 ASN A 26 ? HIS A 37 ? ASN A 20 HIS A 31 1 ? 12 
# 
_struct_conf_type.id          HELX_P 
_struct_conf_type.criteria    ? 
_struct_conf_type.reference   ? 
# 
loop_
_struct_conn.id 
_struct_conn.conn_type_id 
_struct_conn.pdbx_leaving_atom_flag 
_struct_conn.pdbx_PDB_id 
_struct_conn.ptnr1_label_asym_id 
_struct_conn.ptnr1_label_comp_id 
_struct_conn.ptnr1_label_seq_id 
_struct_conn.ptnr1_label_atom_id 
_struct_conn.pdbx_ptnr1_label_alt_id 
_struct_conn.pdbx_ptnr1_PDB_ins_code 
_struct_conn.pdbx_ptnr1_standard_comp_id 
_struct_conn.ptnr1_symmetry 
_struct_conn.ptnr2_label_asym_id 
_struct_conn.ptnr2_label_comp_id 
_struct_conn.ptnr2_label_seq_id 
_struct_conn.ptnr2_label_atom_id 
_struct_conn.pdbx_ptnr2_label_alt_id 
_struct_conn.pdbx_ptnr2_PDB_ins_code 
_struct_conn.ptnr1_auth_asym_id 
_struct_conn.ptnr1_auth_comp_id 
_struct_conn.ptnr1_auth_seq_id 
_struct_conn.ptnr2_auth_asym_id 
_struct_conn.ptnr2_auth_comp_id 
_struct_conn.ptnr2_auth_seq_id 
_struct_conn.ptnr2_symmetry 
_struct_conn.pdbx_ptnr3_label_atom_id 
_struct_conn.pdbx_ptnr3_label_seq_id 
_struct_conn.pdbx_ptnr3_label_comp_id 
_struct_conn.pdbx_ptnr3_label_asym_id 
_struct_conn.pdbx_ptnr3_label_alt_id 
_struct_conn.pdbx_ptnr3_PDB_ins_code 
_struct_conn.details 
_struct_conn.pdbx_dist_value 
_struct_conn.pdbx_value_order 
_struct_conn.pdbx_role 
disulf1 disulf ? ? A CYS 10 SG ? ? ? 1_555 A CYS 58 SG ? ? A CYS 4   A CYS 52  1_555 ? ? ? ? ? ? ? 2.041 ? ? 
disulf2 disulf ? ? A CYS 22 SG ? ? ? 1_555 A CYS 43 SG ? ? A CYS 16  A CYS 37  1_555 ? ? ? ? ? ? ? 2.058 ? ? 
disulf3 disulf ? ? A CYS 28 SG ? ? ? 1_555 A CYS 53 SG ? ? A CYS 22  A CYS 47  1_555 ? ? ? ? ? ? ? 2.063 ? ? 
disulf4 disulf ? ? A CYS 32 SG ? ? ? 1_555 A CYS 55 SG ? ? A CYS 26  A CYS 49  1_555 ? ? ? ? ? ? ? 2.046 ? ? 
metalc1 metalc ? ? B NA  .  NA ? ? ? 1_555 C HOH .  O  ? ? A NA  101 A HOH 208 1_555 ? ? ? ? ? ? ? 3.153 ? ? 
metalc2 metalc ? ? B NA  .  NA ? ? ? 1_555 C HOH .  O  ? ? A NA  101 A HOH 232 1_555 ? ? ? ? ? ? ? 2.455 ? ? 
# 
loop_
_struct_conn_type.id 
_struct_conn_type.criteria 
_struct_conn_type.reference 
disulf ? ? 
metalc ? ? 
# 
_pdbx_struct_conn_angle.id                    1 
_pdbx_struct_conn_angle.ptnr1_label_atom_id   O 
_pdbx_struct_conn_angle.ptnr1_label_alt_id    ? 
_pdbx_struct_conn_angle.ptnr1_label_asym_id   C 
_pdbx_struct_conn_angle.ptnr1_label_comp_id   HOH 
_pdbx_struct_conn_angle.ptnr1_label_seq_id    . 
_pdbx_struct_conn_angle.ptnr1_auth_atom_id    ? 
_pdbx_struct_conn_angle.ptnr1_auth_asym_id    A 
_pdbx_struct_conn_angle.ptnr1_auth_comp_id    HOH 
_pdbx_struct_conn_angle.ptnr1_auth_seq_id     208 
_pdbx_struct_conn_angle.ptnr1_PDB_ins_code    ? 
_pdbx_struct_conn_angle.ptnr1_symmetry        1_555 
_pdbx_struct_conn_angle.ptnr2_label_atom_id   NA 
_pdbx_struct_conn_angle.ptnr2_label_alt_id    ? 
_pdbx_struct_conn_angle.ptnr2_label_asym_id   B 
_pdbx_struct_conn_angle.ptnr2_label_comp_id   NA 
_pdbx_struct_conn_angle.ptnr2_label_seq_id    . 
_pdbx_struct_conn_angle.ptnr2_auth_atom_id    ? 
_pdbx_struct_conn_angle.ptnr2_auth_asym_id    A 
_pdbx_struct_conn_angle.ptnr2_auth_comp_id    NA 
_pdbx_struct_conn_angle.ptnr2_auth_seq_id     101 
_pdbx_struct_conn_angle.ptnr2_PDB_ins_code    ? 
_pdbx_struct_conn_angle.ptnr2_symmetry        1_555 
_pdbx_struct_conn_angle.ptnr3_label_atom_id   O 
_pdbx_struct_conn_angle.ptnr3_label_alt_id    ? 
_pdbx_struct_conn_angle.ptnr3_label_asym_id   C 
_pdbx_struct_conn_angle.ptnr3_label_comp_id   HOH 
_pdbx_struct_conn_angle.ptnr3_label_seq_id    . 
_pdbx_struct_conn_angle.ptnr3_auth_atom_id    ? 
_pdbx_struct_conn_angle.ptnr3_auth_asym_id    A 
_pdbx_struct_conn_angle.ptnr3_auth_comp_id    HOH 
_pdbx_struct_conn_angle.ptnr3_auth_seq_id     232 
_pdbx_struct_conn_angle.ptnr3_PDB_ins_code    ? 
_pdbx_struct_conn_angle.ptnr3_symmetry        1_555 
_pdbx_struct_conn_angle.value                 108.3 
_pdbx_struct_conn_angle.value_esd             ? 
# 
loop_
_pdbx_modification_feature.ordinal 
_pdbx_modification_feature.label_comp_id 
_pdbx_modification_feature.label_asym_id 
_pdbx_modification_feature.label_seq_id 
_pdbx_modification_feature.label_alt_id 
_pdbx_modification_feature.modified_residue_label_comp_id 
_pdbx_modification_feature.modified_residue_label_asym_id 
_pdbx_modification_feature.modified_residue_label_seq_id 
_pdbx_modification_feature.modified_residue_label_alt_id 
_pdbx_modification_feature.auth_comp_id 
_pdbx_modification_feature.auth_asym_id 
_pdbx_modification_feature.auth_seq_id 
_pdbx_modification_feature.PDB_ins_code 
_pdbx_modification_feature.symmetry 
_pdbx_modification_feature.modified_residue_auth_comp_id 
_pdbx_modification_feature.modified_residue_auth_asym_id 
_pdbx_modification_feature.modified_residue_auth_seq_id 
_pdbx_modification_feature.modified_residue_PDB_ins_code 
_pdbx_modification_feature.modified_residue_symmetry 
_pdbx_modification_feature.comp_id_linking_atom 
_pdbx_modification_feature.modified_residue_id_linking_atom 
_pdbx_modification_feature.modified_residue_id 
_pdbx_modification_feature.ref_pcm_id 
_pdbx_modification_feature.ref_comp_id 
_pdbx_modification_feature.type 
_pdbx_modification_feature.category 
1 CYS A 10 ? CYS A 58 ? CYS A 4  ? 1_555 CYS A 52 ? 1_555 SG SG . . . None 'Disulfide bridge' 
2 CYS A 22 ? CYS A 43 ? CYS A 16 ? 1_555 CYS A 37 ? 1_555 SG SG . . . None 'Disulfide bridge' 
3 CYS A 28 ? CYS A 53 ? CYS A 22 ? 1_555 CYS A 47 ? 1_555 SG SG . . . None 'Disulfide bridge' 
4 CYS A 32 ? CYS A 55 ? CYS A 26 ? 1_555 CYS A 49 ? 1_555 SG SG . . . None 'Disulfide bridge' 
# 
_struct_sheet.id               AA1 
_struct_sheet.type             ? 
_struct_sheet.number_strands   3 
_struct_sheet.details          ? 
# 
loop_
_struct_sheet_order.sheet_id 
_struct_sheet_order.range_id_1 
_struct_sheet_order.range_id_2 
_struct_sheet_order.offset 
_struct_sheet_order.sense 
AA1 1 2 ? anti-parallel 
AA1 2 3 ? anti-parallel 
# 
loop_
_struct_sheet_range.sheet_id 
_struct_sheet_range.id 
_struct_sheet_range.beg_label_comp_id 
_struct_sheet_range.beg_label_asym_id 
_struct_sheet_range.beg_label_seq_id 
_struct_sheet_range.pdbx_beg_PDB_ins_code 
_struct_sheet_range.end_label_comp_id 
_struct_sheet_range.end_label_asym_id 
_struct_sheet_range.end_label_seq_id 
_struct_sheet_range.pdbx_end_PDB_ins_code 
_struct_sheet_range.beg_auth_comp_id 
_struct_sheet_range.beg_auth_asym_id 
_struct_sheet_range.beg_auth_seq_id 
_struct_sheet_range.end_auth_comp_id 
_struct_sheet_range.end_auth_asym_id 
_struct_sheet_range.end_auth_seq_id 
AA1 1 LYS A 11 ? VAL A 13 ? LYS A 5  VAL A 7  
AA1 2 LEU A 51 ? ASP A 56 ? LEU A 45 ASP A 50 
AA1 3 SER A 40 ? TYR A 45 ? SER A 34 TYR A 39 
# 
loop_
_pdbx_struct_sheet_hbond.sheet_id 
_pdbx_struct_sheet_hbond.range_id_1 
_pdbx_struct_sheet_hbond.range_id_2 
_pdbx_struct_sheet_hbond.range_1_label_atom_id 
_pdbx_struct_sheet_hbond.range_1_label_comp_id 
_pdbx_struct_sheet_hbond.range_1_label_asym_id 
_pdbx_struct_sheet_hbond.range_1_label_seq_id 
_pdbx_struct_sheet_hbond.range_1_PDB_ins_code 
_pdbx_struct_sheet_hbond.range_1_auth_atom_id 
_pdbx_struct_sheet_hbond.range_1_auth_comp_id 
_pdbx_struct_sheet_hbond.range_1_auth_asym_id 
_pdbx_struct_sheet_hbond.range_1_auth_seq_id 
_pdbx_struct_sheet_hbond.range_2_label_atom_id 
_pdbx_struct_sheet_hbond.range_2_label_comp_id 
_pdbx_struct_sheet_hbond.range_2_label_asym_id 
_pdbx_struct_sheet_hbond.range_2_label_seq_id 
_pdbx_struct_sheet_hbond.range_2_PDB_ins_code 
_pdbx_struct_sheet_hbond.range_2_auth_atom_id 
_pdbx_struct_sheet_hbond.range_2_auth_comp_id 
_pdbx_struct_sheet_hbond.range_2_auth_asym_id 
_pdbx_struct_sheet_hbond.range_2_auth_seq_id 
AA1 1 2 N LYS A 12 ? N LYS A 6  O CYS A 55 ? O CYS A 49 
AA1 2 3 O ASP A 56 ? O ASP A 50 N SER A 40 ? N SER A 34 
# 
_pdbx_entry_details.entry_id                   7W8E 
_pdbx_entry_details.nonpolymer_details         ? 
_pdbx_entry_details.sequence_details           ? 
_pdbx_entry_details.compound_details           ? 
_pdbx_entry_details.source_details             ? 
_pdbx_entry_details.has_ligand_of_interest     Y 
_pdbx_entry_details.has_protein_modification   Y 
# 
loop_
_pdbx_validate_close_contact.id 
_pdbx_validate_close_contact.PDB_model_num 
_pdbx_validate_close_contact.auth_atom_id_1 
_pdbx_validate_close_contact.auth_asym_id_1 
_pdbx_validate_close_contact.auth_comp_id_1 
_pdbx_validate_close_contact.auth_seq_id_1 
_pdbx_validate_close_contact.PDB_ins_code_1 
_pdbx_validate_close_contact.label_alt_id_1 
_pdbx_validate_close_contact.auth_atom_id_2 
_pdbx_validate_close_contact.auth_asym_id_2 
_pdbx_validate_close_contact.auth_comp_id_2 
_pdbx_validate_close_contact.auth_seq_id_2 
_pdbx_validate_close_contact.PDB_ins_code_2 
_pdbx_validate_close_contact.label_alt_id_2 
_pdbx_validate_close_contact.dist 
1 1 O A HOH 232 ? ? O A HOH 244 ? ? 1.71 
2 1 O A HOH 237 ? ? O A HOH 242 ? ? 1.72 
# 
loop_
_pdbx_struct_special_symmetry.id 
_pdbx_struct_special_symmetry.PDB_model_num 
_pdbx_struct_special_symmetry.auth_asym_id 
_pdbx_struct_special_symmetry.auth_comp_id 
_pdbx_struct_special_symmetry.auth_seq_id 
_pdbx_struct_special_symmetry.PDB_ins_code 
_pdbx_struct_special_symmetry.label_asym_id 
_pdbx_struct_special_symmetry.label_comp_id 
_pdbx_struct_special_symmetry.label_seq_id 
1 1 A HOH 209 ? C HOH . 
2 1 A HOH 239 ? C HOH . 
# 
loop_
_space_group_symop.id 
_space_group_symop.operation_xyz 
1 x,y,z          
2 -y,x-y,z+2/3   
3 -x+y,-x,z+1/3  
4 x-y,-y,-z+1/3  
5 -x,-x+y,-z+2/3 
6 y,x,-z         
# 
_pdbx_distant_solvent_atoms.id                                1 
_pdbx_distant_solvent_atoms.PDB_model_num                     1 
_pdbx_distant_solvent_atoms.auth_atom_id                      O 
_pdbx_distant_solvent_atoms.label_alt_id                      ? 
_pdbx_distant_solvent_atoms.auth_asym_id                      A 
_pdbx_distant_solvent_atoms.auth_comp_id                      HOH 
_pdbx_distant_solvent_atoms.auth_seq_id                       249 
_pdbx_distant_solvent_atoms.PDB_ins_code                      ? 
_pdbx_distant_solvent_atoms.neighbor_macromolecule_distance   6.09 
_pdbx_distant_solvent_atoms.neighbor_ligand_distance          . 
# 
loop_
_pdbx_unobs_or_zero_occ_residues.id 
_pdbx_unobs_or_zero_occ_residues.PDB_model_num 
_pdbx_unobs_or_zero_occ_residues.polymer_flag 
_pdbx_unobs_or_zero_occ_residues.occupancy_flag 
_pdbx_unobs_or_zero_occ_residues.auth_asym_id 
_pdbx_unobs_or_zero_occ_residues.auth_comp_id 
_pdbx_unobs_or_zero_occ_residues.auth_seq_id 
_pdbx_unobs_or_zero_occ_residues.PDB_ins_code 
_pdbx_unobs_or_zero_occ_residues.label_asym_id 
_pdbx_unobs_or_zero_occ_residues.label_comp_id 
_pdbx_unobs_or_zero_occ_residues.label_seq_id 
1  1 Y 1 A MET -5 ? A MET 1  
2  1 Y 1 A ALA -4 ? A ALA 2  
3  1 Y 1 A ASN -3 ? A ASN 3  
4  1 Y 1 A PRO -2 ? A PRO 4  
5  1 Y 1 A ARG -1 ? A ARG 5  
6  1 Y 1 A PRO 55 ? A PRO 61 
7  1 Y 1 A LEU 56 ? A LEU 62 
8  1 Y 1 A GLU 57 ? A GLU 63 
9  1 Y 1 A HIS 58 ? A HIS 64 
10 1 Y 1 A HIS 59 ? A HIS 65 
11 1 Y 1 A HIS 60 ? A HIS 66 
12 1 Y 1 A HIS 61 ? A HIS 67 
13 1 Y 1 A HIS 62 ? A HIS 68 
14 1 Y 1 A HIS 63 ? A HIS 69 
# 
loop_
_chem_comp_atom.comp_id 
_chem_comp_atom.atom_id 
_chem_comp_atom.type_symbol 
_chem_comp_atom.pdbx_aromatic_flag 
_chem_comp_atom.pdbx_stereo_config 
_chem_comp_atom.pdbx_ordinal 
ALA N    N  N N 1   
ALA CA   C  N S 2   
ALA C    C  N N 3   
ALA O    O  N N 4   
ALA CB   C  N N 5   
ALA OXT  O  N N 6   
ALA H    H  N N 7   
ALA H2   H  N N 8   
ALA HA   H  N N 9   
ALA HB1  H  N N 10  
ALA HB2  H  N N 11  
ALA HB3  H  N N 12  
ALA HXT  H  N N 13  
ARG N    N  N N 14  
ARG CA   C  N S 15  
ARG C    C  N N 16  
ARG O    O  N N 17  
ARG CB   C  N N 18  
ARG CG   C  N N 19  
ARG CD   C  N N 20  
ARG NE   N  N N 21  
ARG CZ   C  N N 22  
ARG NH1  N  N N 23  
ARG NH2  N  N N 24  
ARG OXT  O  N N 25  
ARG H    H  N N 26  
ARG H2   H  N N 27  
ARG HA   H  N N 28  
ARG HB2  H  N N 29  
ARG HB3  H  N N 30  
ARG HG2  H  N N 31  
ARG HG3  H  N N 32  
ARG HD2  H  N N 33  
ARG HD3  H  N N 34  
ARG HE   H  N N 35  
ARG HH11 H  N N 36  
ARG HH12 H  N N 37  
ARG HH21 H  N N 38  
ARG HH22 H  N N 39  
ARG HXT  H  N N 40  
ASN N    N  N N 41  
ASN CA   C  N S 42  
ASN C    C  N N 43  
ASN O    O  N N 44  
ASN CB   C  N N 45  
ASN CG   C  N N 46  
ASN OD1  O  N N 47  
ASN ND2  N  N N 48  
ASN OXT  O  N N 49  
ASN H    H  N N 50  
ASN H2   H  N N 51  
ASN HA   H  N N 52  
ASN HB2  H  N N 53  
ASN HB3  H  N N 54  
ASN HD21 H  N N 55  
ASN HD22 H  N N 56  
ASN HXT  H  N N 57  
ASP N    N  N N 58  
ASP CA   C  N S 59  
ASP C    C  N N 60  
ASP O    O  N N 61  
ASP CB   C  N N 62  
ASP CG   C  N N 63  
ASP OD1  O  N N 64  
ASP OD2  O  N N 65  
ASP OXT  O  N N 66  
ASP H    H  N N 67  
ASP H2   H  N N 68  
ASP HA   H  N N 69  
ASP HB2  H  N N 70  
ASP HB3  H  N N 71  
ASP HD2  H  N N 72  
ASP HXT  H  N N 73  
CYS N    N  N N 74  
CYS CA   C  N R 75  
CYS C    C  N N 76  
CYS O    O  N N 77  
CYS CB   C  N N 78  
CYS SG   S  N N 79  
CYS OXT  O  N N 80  
CYS H    H  N N 81  
CYS H2   H  N N 82  
CYS HA   H  N N 83  
CYS HB2  H  N N 84  
CYS HB3  H  N N 85  
CYS HG   H  N N 86  
CYS HXT  H  N N 87  
GLN N    N  N N 88  
GLN CA   C  N S 89  
GLN C    C  N N 90  
GLN O    O  N N 91  
GLN CB   C  N N 92  
GLN CG   C  N N 93  
GLN CD   C  N N 94  
GLN OE1  O  N N 95  
GLN NE2  N  N N 96  
GLN OXT  O  N N 97  
GLN H    H  N N 98  
GLN H2   H  N N 99  
GLN HA   H  N N 100 
GLN HB2  H  N N 101 
GLN HB3  H  N N 102 
GLN HG2  H  N N 103 
GLN HG3  H  N N 104 
GLN HE21 H  N N 105 
GLN HE22 H  N N 106 
GLN HXT  H  N N 107 
GLU N    N  N N 108 
GLU CA   C  N S 109 
GLU C    C  N N 110 
GLU O    O  N N 111 
GLU CB   C  N N 112 
GLU CG   C  N N 113 
GLU CD   C  N N 114 
GLU OE1  O  N N 115 
GLU OE2  O  N N 116 
GLU OXT  O  N N 117 
GLU H    H  N N 118 
GLU H2   H  N N 119 
GLU HA   H  N N 120 
GLU HB2  H  N N 121 
GLU HB3  H  N N 122 
GLU HG2  H  N N 123 
GLU HG3  H  N N 124 
GLU HE2  H  N N 125 
GLU HXT  H  N N 126 
GLY N    N  N N 127 
GLY CA   C  N N 128 
GLY C    C  N N 129 
GLY O    O  N N 130 
GLY OXT  O  N N 131 
GLY H    H  N N 132 
GLY H2   H  N N 133 
GLY HA2  H  N N 134 
GLY HA3  H  N N 135 
GLY HXT  H  N N 136 
HIS N    N  N N 137 
HIS CA   C  N S 138 
HIS C    C  N N 139 
HIS O    O  N N 140 
HIS CB   C  N N 141 
HIS CG   C  Y N 142 
HIS ND1  N  Y N 143 
HIS CD2  C  Y N 144 
HIS CE1  C  Y N 145 
HIS NE2  N  Y N 146 
HIS OXT  O  N N 147 
HIS H    H  N N 148 
HIS H2   H  N N 149 
HIS HA   H  N N 150 
HIS HB2  H  N N 151 
HIS HB3  H  N N 152 
HIS HD1  H  N N 153 
HIS HD2  H  N N 154 
HIS HE1  H  N N 155 
HIS HE2  H  N N 156 
HIS HXT  H  N N 157 
HOH O    O  N N 158 
HOH H1   H  N N 159 
HOH H2   H  N N 160 
ILE N    N  N N 161 
ILE CA   C  N S 162 
ILE C    C  N N 163 
ILE O    O  N N 164 
ILE CB   C  N S 165 
ILE CG1  C  N N 166 
ILE CG2  C  N N 167 
ILE CD1  C  N N 168 
ILE OXT  O  N N 169 
ILE H    H  N N 170 
ILE H2   H  N N 171 
ILE HA   H  N N 172 
ILE HB   H  N N 173 
ILE HG12 H  N N 174 
ILE HG13 H  N N 175 
ILE HG21 H  N N 176 
ILE HG22 H  N N 177 
ILE HG23 H  N N 178 
ILE HD11 H  N N 179 
ILE HD12 H  N N 180 
ILE HD13 H  N N 181 
ILE HXT  H  N N 182 
LEU N    N  N N 183 
LEU CA   C  N S 184 
LEU C    C  N N 185 
LEU O    O  N N 186 
LEU CB   C  N N 187 
LEU CG   C  N N 188 
LEU CD1  C  N N 189 
LEU CD2  C  N N 190 
LEU OXT  O  N N 191 
LEU H    H  N N 192 
LEU H2   H  N N 193 
LEU HA   H  N N 194 
LEU HB2  H  N N 195 
LEU HB3  H  N N 196 
LEU HG   H  N N 197 
LEU HD11 H  N N 198 
LEU HD12 H  N N 199 
LEU HD13 H  N N 200 
LEU HD21 H  N N 201 
LEU HD22 H  N N 202 
LEU HD23 H  N N 203 
LEU HXT  H  N N 204 
LYS N    N  N N 205 
LYS CA   C  N S 206 
LYS C    C  N N 207 
LYS O    O  N N 208 
LYS CB   C  N N 209 
LYS CG   C  N N 210 
LYS CD   C  N N 211 
LYS CE   C  N N 212 
LYS NZ   N  N N 213 
LYS OXT  O  N N 214 
LYS H    H  N N 215 
LYS H2   H  N N 216 
LYS HA   H  N N 217 
LYS HB2  H  N N 218 
LYS HB3  H  N N 219 
LYS HG2  H  N N 220 
LYS HG3  H  N N 221 
LYS HD2  H  N N 222 
LYS HD3  H  N N 223 
LYS HE2  H  N N 224 
LYS HE3  H  N N 225 
LYS HZ1  H  N N 226 
LYS HZ2  H  N N 227 
LYS HZ3  H  N N 228 
LYS HXT  H  N N 229 
MET N    N  N N 230 
MET CA   C  N S 231 
MET C    C  N N 232 
MET O    O  N N 233 
MET CB   C  N N 234 
MET CG   C  N N 235 
MET SD   S  N N 236 
MET CE   C  N N 237 
MET OXT  O  N N 238 
MET H    H  N N 239 
MET H2   H  N N 240 
MET HA   H  N N 241 
MET HB2  H  N N 242 
MET HB3  H  N N 243 
MET HG2  H  N N 244 
MET HG3  H  N N 245 
MET HE1  H  N N 246 
MET HE2  H  N N 247 
MET HE3  H  N N 248 
MET HXT  H  N N 249 
NA  NA   NA N N 250 
PHE N    N  N N 251 
PHE CA   C  N S 252 
PHE C    C  N N 253 
PHE O    O  N N 254 
PHE CB   C  N N 255 
PHE CG   C  Y N 256 
PHE CD1  C  Y N 257 
PHE CD2  C  Y N 258 
PHE CE1  C  Y N 259 
PHE CE2  C  Y N 260 
PHE CZ   C  Y N 261 
PHE OXT  O  N N 262 
PHE H    H  N N 263 
PHE H2   H  N N 264 
PHE HA   H  N N 265 
PHE HB2  H  N N 266 
PHE HB3  H  N N 267 
PHE HD1  H  N N 268 
PHE HD2  H  N N 269 
PHE HE1  H  N N 270 
PHE HE2  H  N N 271 
PHE HZ   H  N N 272 
PHE HXT  H  N N 273 
PRO N    N  N N 274 
PRO CA   C  N S 275 
PRO C    C  N N 276 
PRO O    O  N N 277 
PRO CB   C  N N 278 
PRO CG   C  N N 279 
PRO CD   C  N N 280 
PRO OXT  O  N N 281 
PRO H    H  N N 282 
PRO HA   H  N N 283 
PRO HB2  H  N N 284 
PRO HB3  H  N N 285 
PRO HG2  H  N N 286 
PRO HG3  H  N N 287 
PRO HD2  H  N N 288 
PRO HD3  H  N N 289 
PRO HXT  H  N N 290 
SER N    N  N N 291 
SER CA   C  N S 292 
SER C    C  N N 293 
SER O    O  N N 294 
SER CB   C  N N 295 
SER OG   O  N N 296 
SER OXT  O  N N 297 
SER H    H  N N 298 
SER H2   H  N N 299 
SER HA   H  N N 300 
SER HB2  H  N N 301 
SER HB3  H  N N 302 
SER HG   H  N N 303 
SER HXT  H  N N 304 
TYR N    N  N N 305 
TYR CA   C  N S 306 
TYR C    C  N N 307 
TYR O    O  N N 308 
TYR CB   C  N N 309 
TYR CG   C  Y N 310 
TYR CD1  C  Y N 311 
TYR CD2  C  Y N 312 
TYR CE1  C  Y N 313 
TYR CE2  C  Y N 314 
TYR CZ   C  Y N 315 
TYR OH   O  N N 316 
TYR OXT  O  N N 317 
TYR H    H  N N 318 
TYR H2   H  N N 319 
TYR HA   H  N N 320 
TYR HB2  H  N N 321 
TYR HB3  H  N N 322 
TYR HD1  H  N N 323 
TYR HD2  H  N N 324 
TYR HE1  H  N N 325 
TYR HE2  H  N N 326 
TYR HH   H  N N 327 
TYR HXT  H  N N 328 
VAL N    N  N N 329 
VAL CA   C  N S 330 
VAL C    C  N N 331 
VAL O    O  N N 332 
VAL CB   C  N N 333 
VAL CG1  C  N N 334 
VAL CG2  C  N N 335 
VAL OXT  O  N N 336 
VAL H    H  N N 337 
VAL H2   H  N N 338 
VAL HA   H  N N 339 
VAL HB   H  N N 340 
VAL HG11 H  N N 341 
VAL HG12 H  N N 342 
VAL HG13 H  N N 343 
VAL HG21 H  N N 344 
VAL HG22 H  N N 345 
VAL HG23 H  N N 346 
VAL HXT  H  N N 347 
# 
loop_
_chem_comp_bond.comp_id 
_chem_comp_bond.atom_id_1 
_chem_comp_bond.atom_id_2 
_chem_comp_bond.value_order 
_chem_comp_bond.pdbx_aromatic_flag 
_chem_comp_bond.pdbx_stereo_config 
_chem_comp_bond.pdbx_ordinal 
ALA N   CA   sing N N 1   
ALA N   H    sing N N 2   
ALA N   H2   sing N N 3   
ALA CA  C    sing N N 4   
ALA CA  CB   sing N N 5   
ALA CA  HA   sing N N 6   
ALA C   O    doub N N 7   
ALA C   OXT  sing N N 8   
ALA CB  HB1  sing N N 9   
ALA CB  HB2  sing N N 10  
ALA CB  HB3  sing N N 11  
ALA OXT HXT  sing N N 12  
ARG N   CA   sing N N 13  
ARG N   H    sing N N 14  
ARG N   H2   sing N N 15  
ARG CA  C    sing N N 16  
ARG CA  CB   sing N N 17  
ARG CA  HA   sing N N 18  
ARG C   O    doub N N 19  
ARG C   OXT  sing N N 20  
ARG CB  CG   sing N N 21  
ARG CB  HB2  sing N N 22  
ARG CB  HB3  sing N N 23  
ARG CG  CD   sing N N 24  
ARG CG  HG2  sing N N 25  
ARG CG  HG3  sing N N 26  
ARG CD  NE   sing N N 27  
ARG CD  HD2  sing N N 28  
ARG CD  HD3  sing N N 29  
ARG NE  CZ   sing N N 30  
ARG NE  HE   sing N N 31  
ARG CZ  NH1  sing N N 32  
ARG CZ  NH2  doub N N 33  
ARG NH1 HH11 sing N N 34  
ARG NH1 HH12 sing N N 35  
ARG NH2 HH21 sing N N 36  
ARG NH2 HH22 sing N N 37  
ARG OXT HXT  sing N N 38  
ASN N   CA   sing N N 39  
ASN N   H    sing N N 40  
ASN N   H2   sing N N 41  
ASN CA  C    sing N N 42  
ASN CA  CB   sing N N 43  
ASN CA  HA   sing N N 44  
ASN C   O    doub N N 45  
ASN C   OXT  sing N N 46  
ASN CB  CG   sing N N 47  
ASN CB  HB2  sing N N 48  
ASN CB  HB3  sing N N 49  
ASN CG  OD1  doub N N 50  
ASN CG  ND2  sing N N 51  
ASN ND2 HD21 sing N N 52  
ASN ND2 HD22 sing N N 53  
ASN OXT HXT  sing N N 54  
ASP N   CA   sing N N 55  
ASP N   H    sing N N 56  
ASP N   H2   sing N N 57  
ASP CA  C    sing N N 58  
ASP CA  CB   sing N N 59  
ASP CA  HA   sing N N 60  
ASP C   O    doub N N 61  
ASP C   OXT  sing N N 62  
ASP CB  CG   sing N N 63  
ASP CB  HB2  sing N N 64  
ASP CB  HB3  sing N N 65  
ASP CG  OD1  doub N N 66  
ASP CG  OD2  sing N N 67  
ASP OD2 HD2  sing N N 68  
ASP OXT HXT  sing N N 69  
CYS N   CA   sing N N 70  
CYS N   H    sing N N 71  
CYS N   H2   sing N N 72  
CYS CA  C    sing N N 73  
CYS CA  CB   sing N N 74  
CYS CA  HA   sing N N 75  
CYS C   O    doub N N 76  
CYS C   OXT  sing N N 77  
CYS CB  SG   sing N N 78  
CYS CB  HB2  sing N N 79  
CYS CB  HB3  sing N N 80  
CYS SG  HG   sing N N 81  
CYS OXT HXT  sing N N 82  
GLN N   CA   sing N N 83  
GLN N   H    sing N N 84  
GLN N   H2   sing N N 85  
GLN CA  C    sing N N 86  
GLN CA  CB   sing N N 87  
GLN CA  HA   sing N N 88  
GLN C   O    doub N N 89  
GLN C   OXT  sing N N 90  
GLN CB  CG   sing N N 91  
GLN CB  HB2  sing N N 92  
GLN CB  HB3  sing N N 93  
GLN CG  CD   sing N N 94  
GLN CG  HG2  sing N N 95  
GLN CG  HG3  sing N N 96  
GLN CD  OE1  doub N N 97  
GLN CD  NE2  sing N N 98  
GLN NE2 HE21 sing N N 99  
GLN NE2 HE22 sing N N 100 
GLN OXT HXT  sing N N 101 
GLU N   CA   sing N N 102 
GLU N   H    sing N N 103 
GLU N   H2   sing N N 104 
GLU CA  C    sing N N 105 
GLU CA  CB   sing N N 106 
GLU CA  HA   sing N N 107 
GLU C   O    doub N N 108 
GLU C   OXT  sing N N 109 
GLU CB  CG   sing N N 110 
GLU CB  HB2  sing N N 111 
GLU CB  HB3  sing N N 112 
GLU CG  CD   sing N N 113 
GLU CG  HG2  sing N N 114 
GLU CG  HG3  sing N N 115 
GLU CD  OE1  doub N N 116 
GLU CD  OE2  sing N N 117 
GLU OE2 HE2  sing N N 118 
GLU OXT HXT  sing N N 119 
GLY N   CA   sing N N 120 
GLY N   H    sing N N 121 
GLY N   H2   sing N N 122 
GLY CA  C    sing N N 123 
GLY CA  HA2  sing N N 124 
GLY CA  HA3  sing N N 125 
GLY C   O    doub N N 126 
GLY C   OXT  sing N N 127 
GLY OXT HXT  sing N N 128 
HIS N   CA   sing N N 129 
HIS N   H    sing N N 130 
HIS N   H2   sing N N 131 
HIS CA  C    sing N N 132 
HIS CA  CB   sing N N 133 
HIS CA  HA   sing N N 134 
HIS C   O    doub N N 135 
HIS C   OXT  sing N N 136 
HIS CB  CG   sing N N 137 
HIS CB  HB2  sing N N 138 
HIS CB  HB3  sing N N 139 
HIS CG  ND1  sing Y N 140 
HIS CG  CD2  doub Y N 141 
HIS ND1 CE1  doub Y N 142 
HIS ND1 HD1  sing N N 143 
HIS CD2 NE2  sing Y N 144 
HIS CD2 HD2  sing N N 145 
HIS CE1 NE2  sing Y N 146 
HIS CE1 HE1  sing N N 147 
HIS NE2 HE2  sing N N 148 
HIS OXT HXT  sing N N 149 
HOH O   H1   sing N N 150 
HOH O   H2   sing N N 151 
ILE N   CA   sing N N 152 
ILE N   H    sing N N 153 
ILE N   H2   sing N N 154 
ILE CA  C    sing N N 155 
ILE CA  CB   sing N N 156 
ILE CA  HA   sing N N 157 
ILE C   O    doub N N 158 
ILE C   OXT  sing N N 159 
ILE CB  CG1  sing N N 160 
ILE CB  CG2  sing N N 161 
ILE CB  HB   sing N N 162 
ILE CG1 CD1  sing N N 163 
ILE CG1 HG12 sing N N 164 
ILE CG1 HG13 sing N N 165 
ILE CG2 HG21 sing N N 166 
ILE CG2 HG22 sing N N 167 
ILE CG2 HG23 sing N N 168 
ILE CD1 HD11 sing N N 169 
ILE CD1 HD12 sing N N 170 
ILE CD1 HD13 sing N N 171 
ILE OXT HXT  sing N N 172 
LEU N   CA   sing N N 173 
LEU N   H    sing N N 174 
LEU N   H2   sing N N 175 
LEU CA  C    sing N N 176 
LEU CA  CB   sing N N 177 
LEU CA  HA   sing N N 178 
LEU C   O    doub N N 179 
LEU C   OXT  sing N N 180 
LEU CB  CG   sing N N 181 
LEU CB  HB2  sing N N 182 
LEU CB  HB3  sing N N 183 
LEU CG  CD1  sing N N 184 
LEU CG  CD2  sing N N 185 
LEU CG  HG   sing N N 186 
LEU CD1 HD11 sing N N 187 
LEU CD1 HD12 sing N N 188 
LEU CD1 HD13 sing N N 189 
LEU CD2 HD21 sing N N 190 
LEU CD2 HD22 sing N N 191 
LEU CD2 HD23 sing N N 192 
LEU OXT HXT  sing N N 193 
LYS N   CA   sing N N 194 
LYS N   H    sing N N 195 
LYS N   H2   sing N N 196 
LYS CA  C    sing N N 197 
LYS CA  CB   sing N N 198 
LYS CA  HA   sing N N 199 
LYS C   O    doub N N 200 
LYS C   OXT  sing N N 201 
LYS CB  CG   sing N N 202 
LYS CB  HB2  sing N N 203 
LYS CB  HB3  sing N N 204 
LYS CG  CD   sing N N 205 
LYS CG  HG2  sing N N 206 
LYS CG  HG3  sing N N 207 
LYS CD  CE   sing N N 208 
LYS CD  HD2  sing N N 209 
LYS CD  HD3  sing N N 210 
LYS CE  NZ   sing N N 211 
LYS CE  HE2  sing N N 212 
LYS CE  HE3  sing N N 213 
LYS NZ  HZ1  sing N N 214 
LYS NZ  HZ2  sing N N 215 
LYS NZ  HZ3  sing N N 216 
LYS OXT HXT  sing N N 217 
MET N   CA   sing N N 218 
MET N   H    sing N N 219 
MET N   H2   sing N N 220 
MET CA  C    sing N N 221 
MET CA  CB   sing N N 222 
MET CA  HA   sing N N 223 
MET C   O    doub N N 224 
MET C   OXT  sing N N 225 
MET CB  CG   sing N N 226 
MET CB  HB2  sing N N 227 
MET CB  HB3  sing N N 228 
MET CG  SD   sing N N 229 
MET CG  HG2  sing N N 230 
MET CG  HG3  sing N N 231 
MET SD  CE   sing N N 232 
MET CE  HE1  sing N N 233 
MET CE  HE2  sing N N 234 
MET CE  HE3  sing N N 235 
MET OXT HXT  sing N N 236 
PHE N   CA   sing N N 237 
PHE N   H    sing N N 238 
PHE N   H2   sing N N 239 
PHE CA  C    sing N N 240 
PHE CA  CB   sing N N 241 
PHE CA  HA   sing N N 242 
PHE C   O    doub N N 243 
PHE C   OXT  sing N N 244 
PHE CB  CG   sing N N 245 
PHE CB  HB2  sing N N 246 
PHE CB  HB3  sing N N 247 
PHE CG  CD1  doub Y N 248 
PHE CG  CD2  sing Y N 249 
PHE CD1 CE1  sing Y N 250 
PHE CD1 HD1  sing N N 251 
PHE CD2 CE2  doub Y N 252 
PHE CD2 HD2  sing N N 253 
PHE CE1 CZ   doub Y N 254 
PHE CE1 HE1  sing N N 255 
PHE CE2 CZ   sing Y N 256 
PHE CE2 HE2  sing N N 257 
PHE CZ  HZ   sing N N 258 
PHE OXT HXT  sing N N 259 
PRO N   CA   sing N N 260 
PRO N   CD   sing N N 261 
PRO N   H    sing N N 262 
PRO CA  C    sing N N 263 
PRO CA  CB   sing N N 264 
PRO CA  HA   sing N N 265 
PRO C   O    doub N N 266 
PRO C   OXT  sing N N 267 
PRO CB  CG   sing N N 268 
PRO CB  HB2  sing N N 269 
PRO CB  HB3  sing N N 270 
PRO CG  CD   sing N N 271 
PRO CG  HG2  sing N N 272 
PRO CG  HG3  sing N N 273 
PRO CD  HD2  sing N N 274 
PRO CD  HD3  sing N N 275 
PRO OXT HXT  sing N N 276 
SER N   CA   sing N N 277 
SER N   H    sing N N 278 
SER N   H2   sing N N 279 
SER CA  C    sing N N 280 
SER CA  CB   sing N N 281 
SER CA  HA   sing N N 282 
SER C   O    doub N N 283 
SER C   OXT  sing N N 284 
SER CB  OG   sing N N 285 
SER CB  HB2  sing N N 286 
SER CB  HB3  sing N N 287 
SER OG  HG   sing N N 288 
SER OXT HXT  sing N N 289 
TYR N   CA   sing N N 290 
TYR N   H    sing N N 291 
TYR N   H2   sing N N 292 
TYR CA  C    sing N N 293 
TYR CA  CB   sing N N 294 
TYR CA  HA   sing N N 295 
TYR C   O    doub N N 296 
TYR C   OXT  sing N N 297 
TYR CB  CG   sing N N 298 
TYR CB  HB2  sing N N 299 
TYR CB  HB3  sing N N 300 
TYR CG  CD1  doub Y N 301 
TYR CG  CD2  sing Y N 302 
TYR CD1 CE1  sing Y N 303 
TYR CD1 HD1  sing N N 304 
TYR CD2 CE2  doub Y N 305 
TYR CD2 HD2  sing N N 306 
TYR CE1 CZ   doub Y N 307 
TYR CE1 HE1  sing N N 308 
TYR CE2 CZ   sing Y N 309 
TYR CE2 HE2  sing N N 310 
TYR CZ  OH   sing N N 311 
TYR OH  HH   sing N N 312 
TYR OXT HXT  sing N N 313 
VAL N   CA   sing N N 314 
VAL N   H    sing N N 315 
VAL N   H2   sing N N 316 
VAL CA  C    sing N N 317 
VAL CA  CB   sing N N 318 
VAL CA  HA   sing N N 319 
VAL C   O    doub N N 320 
VAL C   OXT  sing N N 321 
VAL CB  CG1  sing N N 322 
VAL CB  CG2  sing N N 323 
VAL CB  HB   sing N N 324 
VAL CG1 HG11 sing N N 325 
VAL CG1 HG12 sing N N 326 
VAL CG1 HG13 sing N N 327 
VAL CG2 HG21 sing N N 328 
VAL CG2 HG22 sing N N 329 
VAL CG2 HG23 sing N N 330 
VAL OXT HXT  sing N N 331 
# 
_pdbx_audit_support.funding_organization   'National Research Foundation (NRF, Korea)' 
_pdbx_audit_support.country                'Korea, Republic Of' 
_pdbx_audit_support.grant_number           ? 
_pdbx_audit_support.ordinal                1 
# 
_pdbx_initial_refinement_model.id               1 
_pdbx_initial_refinement_model.entity_id_list   ? 
_pdbx_initial_refinement_model.type             'experimental model' 
_pdbx_initial_refinement_model.source_name      PDB 
_pdbx_initial_refinement_model.accession_code   4he7 
_pdbx_initial_refinement_model.details          ? 
# 
_space_group.name_H-M_alt     'P 32 2 1' 
_space_group.name_Hall        
;P 32 2"
;
_space_group.IT_number        154 
_space_group.crystal_system   trigonal 
_space_group.id               1 
# 
_atom_sites.entry_id                    7W8E 
_atom_sites.Cartn_transf_matrix[1][1]   ? 
_atom_sites.Cartn_transf_matrix[1][2]   ? 
_atom_sites.Cartn_transf_matrix[1][3]   ? 
_atom_sites.Cartn_transf_matrix[2][1]   ? 
_atom_sites.Cartn_transf_matrix[2][2]   ? 
_atom_sites.Cartn_transf_matrix[2][3]   ? 
_atom_sites.Cartn_transf_matrix[3][1]   ? 
_atom_sites.Cartn_transf_matrix[3][2]   ? 
_atom_sites.Cartn_transf_matrix[3][3]   ? 
_atom_sites.Cartn_transf_vector[1]      ? 
_atom_sites.Cartn_transf_vector[2]      ? 
_atom_sites.Cartn_transf_vector[3]      ? 
_atom_sites.fract_transf_matrix[1][1]   0.00580895 
_atom_sites.fract_transf_matrix[1][2]   0.00467016 
_atom_sites.fract_transf_matrix[1][3]   0.02108468 
_atom_sites.fract_transf_matrix[2][1]   0.02148912 
_atom_sites.fract_transf_matrix[2][2]   0.00336910 
_atom_sites.fract_transf_matrix[2][3]   0.00519332 
_atom_sites.fract_transf_matrix[3][1]   -0.00178196 
_atom_sites.fract_transf_matrix[3][2]   0.01610921 
_atom_sites.fract_transf_matrix[3][3]   -0.00307717 
_atom_sites.fract_transf_vector[1]      -0.217212 
_atom_sites.fract_transf_vector[2]      0.255923 
_atom_sites.fract_transf_vector[3]      -0.075470 
_atom_sites.solution_primary            ? 
_atom_sites.solution_secondary          ? 
_atom_sites.solution_hydrogens          ? 
_atom_sites.special_details             ? 
# 
loop_
_atom_type.symbol 
_atom_type.scat_dispersion_real 
_atom_type.scat_dispersion_imag 
_atom_type.scat_Cromer_Mann_a1 
_atom_type.scat_Cromer_Mann_a2 
_atom_type.scat_Cromer_Mann_b1 
_atom_type.scat_Cromer_Mann_b2 
_atom_type.scat_Cromer_Mann_c 
_atom_type.scat_source 
_atom_type.scat_dispersion_source 
C  ? ? 3.54356 2.42580 25.62398 1.50364  0.0 
;2-Gaussian fit: Grosse-Kunstleve RW, Sauter NK, Adams PD: Newsletter of the IUCr Commission on Crystallographic Computing 2004, 3, 22-31.
;
? 
H  ? ? 0.51345 0.48472 24.73122 6.32584  0.0 
;2-Gaussian fit: Grosse-Kunstleve RW, Sauter NK, Adams PD: Newsletter of the IUCr Commission on Crystallographic Computing 2004, 3, 22-31.
;
? 
N  ? ? 4.01032 2.96436 19.97189 1.75589  0.0 
;2-Gaussian fit: Grosse-Kunstleve RW, Sauter NK, Adams PD: Newsletter of the IUCr Commission on Crystallographic Computing 2004, 3, 22-31.
;
? 
NA ? ? 9.38062 1.54875 3.38349  72.32734 0.0 
;2-Gaussian fit: Grosse-Kunstleve RW, Sauter NK, Adams PD: Newsletter of the IUCr Commission on Crystallographic Computing 2004, 3, 22-31.
;
? 
O  ? ? 4.49882 3.47563 15.80542 1.70748  0.0 
;2-Gaussian fit: Grosse-Kunstleve RW, Sauter NK, Adams PD: Newsletter of the IUCr Commission on Crystallographic Computing 2004, 3, 22-31.
;
? 
S  ? ? 9.55732 6.39887 1.23737  29.19336 0.0 
;2-Gaussian fit: Grosse-Kunstleve RW, Sauter NK, Adams PD: Newsletter of the IUCr Commission on Crystallographic Computing 2004, 3, 22-31.
;
? 
# 
loop_
_atom_site.group_PDB 
_atom_site.id 
_atom_site.type_symbol 
_atom_site.label_atom_id 
_atom_site.label_alt_id 
_atom_site.label_comp_id 
_atom_site.label_asym_id 
_atom_site.label_entity_id 
_atom_site.label_seq_id 
_atom_site.pdbx_PDB_ins_code 
_atom_site.Cartn_x 
_atom_site.Cartn_y 
_atom_site.Cartn_z 
_atom_site.occupancy 
_atom_site.B_iso_or_equiv 
_atom_site.pdbx_formal_charge 
_atom_site.auth_seq_id 
_atom_site.auth_comp_id 
_atom_site.auth_asym_id 
_atom_site.auth_atom_id 
_atom_site.pdbx_PDB_model_num 
ATOM   1   N  N    . VAL A 1 6  ? 7.29692   -20.08339 5.79938   1.000 17.33068 ?  0   VAL A N    1 
ATOM   2   C  CA   . VAL A 1 6  ? 6.32949   -19.11647 5.29639   1.000 16.73806 ?  0   VAL A CA   1 
ATOM   3   C  C    . VAL A 1 6  ? 7.05996   -18.10526 4.42785   1.000 14.47286 ?  0   VAL A C    1 
ATOM   4   O  O    . VAL A 1 6  ? 8.06744   -17.55776 4.84196   1.000 14.49259 ?  0   VAL A O    1 
ATOM   5   C  CB   . VAL A 1 6  ? 5.60074   -18.41871 6.46059   1.000 16.95387 ?  0   VAL A CB   1 
ATOM   6   C  CG1  . VAL A 1 6  ? 4.71121   -17.32167 5.93953   1.000 17.86353 ?  0   VAL A CG1  1 
ATOM   7   C  CG2  . VAL A 1 6  ? 4.80247   -19.43505 7.28070   1.000 19.15415 ?  0   VAL A CG2  1 
ATOM   8   N  N    . MET A 1 7  ? 6.56837   -17.87424 3.20999   1.000 14.86838 ?  1   MET A N    1 
ATOM   9   C  CA   . MET A 1 7  ? 7.25382   -16.95877 2.30841   1.000 16.51203 ?  1   MET A CA   1 
ATOM   10  C  C    . MET A 1 7  ? 7.24034   -15.53583 2.85203   1.000 14.90071 ?  1   MET A C    1 
ATOM   11  O  O    . MET A 1 7  ? 6.20608   -15.03444 3.31004   1.000 16.80726 ?  1   MET A O    1 
ATOM   12  C  CB   . MET A 1 7  ? 6.59967   -16.95545 0.92737   1.000 16.85899 ?  1   MET A CB   1 
ATOM   13  C  CG   . MET A 1 7  ? 7.42883   -16.15926 -0.08548  1.000 15.89892 ?  1   MET A CG   1 
ATOM   14  S  SD   . MET A 1 7  ? 6.73123   -16.17884 -1.74229  1.000 20.33074 ?  1   MET A SD   1 
ATOM   15  C  CE   . MET A 1 7  ? 7.07578   -17.83648 -2.22421  1.000 21.55093 ?  1   MET A CE   1 
ATOM   16  N  N    . ASP A 1 8  ? 8.39328   -14.88141 2.76362   1.000 14.09468 ?  2   ASP A N    1 
ATOM   17  C  CA   . ASP A 1 8  ? 8.52522   -13.45246 3.02994   1.000 13.52801 ?  2   ASP A CA   1 
ATOM   18  C  C    . ASP A 1 8  ? 8.10322   -12.70177 1.77189   1.000 14.73365 ?  2   ASP A C    1 
ATOM   19  O  O    . ASP A 1 8  ? 8.78267   -12.77467 0.74379   1.000 16.74979 ?  2   ASP A O    1 
ATOM   20  C  CB   . ASP A 1 8  ? 9.98911   -13.19050 3.36881   1.000 15.02526 ?  2   ASP A CB   1 
ATOM   21  C  CG   . ASP A 1 8  ? 10.32243  -11.73535 3.55798   1.000 16.48655 ?  2   ASP A CG   1 
ATOM   22  O  OD1  . ASP A 1 8  ? 9.39993   -10.90322 3.65611   1.000 17.70083 ?  2   ASP A OD1  1 
ATOM   23  O  OD2  . ASP A 1 8  ? 11.53787  -11.43288 3.63156   1.000 17.90799 -1 2   ASP A OD2  1 
ATOM   24  N  N    . LYS A 1 9  ? 6.98345   -11.99111 1.83721   1.000 13.34629 ?  3   LYS A N    1 
ATOM   25  C  CA   . LYS A 1 9  ? 6.45053   -11.25320 0.69643   1.000 14.63556 ?  3   LYS A CA   1 
ATOM   26  C  C    . LYS A 1 9  ? 6.74644   -9.76795  0.85166   1.000 14.34278 ?  3   LYS A C    1 
ATOM   27  O  O    . LYS A 1 9  ? 6.47863   -9.18966  1.91017   1.000 16.16388 ?  3   LYS A O    1 
ATOM   28  C  CB   . LYS A 1 9  ? 4.94684   -11.48298 0.57253   1.000 18.81869 ?  3   LYS A CB   1 
ATOM   29  C  CG   . LYS A 1 9  ? 4.59903   -12.91898 0.24434   1.000 19.53744 ?  3   LYS A CG   1 
ATOM   30  C  CD   . LYS A 1 9  ? 5.42097   -13.36573 -0.92266  1.000 26.17071 ?  3   LYS A CD   1 
ATOM   31  C  CE   . LYS A 1 9  ? 4.82966   -12.85946 -2.22483  1.000 29.64817 ?  3   LYS A CE   1 
ATOM   32  N  NZ   . LYS A 1 9  ? 5.86801   -12.25434 -3.09168  1.000 25.66297 ?  3   LYS A NZ   1 
ATOM   33  N  N    . CYS A 1 10 ? 7.27925   -9.14463  -0.19783  1.000 14.04491 ?  4   CYS A N    1 
ATOM   34  C  CA   . CYS A 1 10 ? 7.59205   -7.71786  -0.12620  1.000 14.76933 ?  4   CYS A CA   1 
ATOM   35  C  C    . CYS A 1 10 ? 6.34374   -6.85877  0.02687   1.000 14.79277 ?  4   CYS A C    1 
ATOM   36  O  O    . CYS A 1 10 ? 6.37657   -5.82700  0.71296   1.000 15.42583 ?  4   CYS A O    1 
ATOM   37  C  CB   . CYS A 1 10 ? 8.34202   -7.28151  -1.38002  1.000 16.67974 ?  4   CYS A CB   1 
ATOM   38  S  SG   . CYS A 1 10 ? 10.03405  -7.88419  -1.48937  1.000 20.69133 ?  4   CYS A SG   1 
ATOM   39  N  N    . LYS A 1 11 ? 5.25253   -7.23061  -0.62904  1.000 13.87349 ?  5   LYS A N    1 
ATOM   40  C  CA   . LYS A 1 11 ? 4.05252   -6.40600  -0.67426  1.000 13.81449 ?  5   LYS A CA   1 
ATOM   41  C  C    . LYS A 1 11 ? 2.95865   -6.99614  0.19535   1.000 15.54639 ?  5   LYS A C    1 
ATOM   42  O  O    . LYS A 1 11 ? 2.80163   -8.22392  0.26739   1.000 17.60861 ?  5   LYS A O    1 
ATOM   43  C  CB   . LYS A 1 11 ? 3.57639   -6.24363  -2.12455  1.000 17.30880 ?  5   LYS A CB   1 
ATOM   44  C  CG   . LYS A 1 11 ? 4.34995   -5.14842  -2.86831  1.000 19.74820 ?  5   LYS A CG   1 
ATOM   45  C  CD   . LYS A 1 11 ? 3.68674   -4.77113  -4.18927  1.000 23.74067 ?  5   LYS A CD   1 
ATOM   46  C  CE   . LYS A 1 11 ? 4.69475   -4.15080  -5.14484  1.000 22.75781 ?  5   LYS A CE   1 
ATOM   47  N  NZ   . LYS A 1 11 ? 5.30917   -2.94043  -4.50824  1.000 21.69766 ?  5   LYS A NZ   1 
ATOM   48  N  N    . LYS A 1 12 ? 2.20246   -6.11615  0.84927   1.000 14.22033 ?  6   LYS A N    1 
ATOM   49  C  CA   . LYS A 1 12 ? 1.04783   -6.52832  1.62740   1.000 14.47574 ?  6   LYS A CA   1 
ATOM   50  C  C    . LYS A 1 12 ? 0.01361   -5.41352  1.58292   1.000 14.13292 ?  6   LYS A C    1 
ATOM   51  O  O    . LYS A 1 12 ? 0.32309   -4.25784  1.89224   1.000 13.10217 ?  6   LYS A O    1 
ATOM   52  C  CB   . LYS A 1 12 ? 1.45105   -6.80426  3.07934   1.000 15.37184 ?  6   LYS A CB   1 
ATOM   53  C  CG   . LYS A 1 12 ? 0.32797   -7.34362  3.94212   1.000 17.01455 ?  6   LYS A CG   1 
ATOM   54  C  CD   . LYS A 1 12 ? 0.79060   -7.55699  5.38538   1.000 18.01227 ?  6   LYS A CD   1 
ATOM   55  C  CE   . LYS A 1 12 ? -0.25462  -8.29606  6.19305   1.000 20.95266 ?  6   LYS A CE   1 
ATOM   56  N  NZ   . LYS A 1 12 ? 0.25581   -8.57770  7.56560   1.000 24.28292 ?  6   LYS A NZ   1 
ATOM   57  N  N    . VAL A 1 13 ? -1.22049  -5.76546  1.22798   1.000 14.02512 ?  7   VAL A N    1 
ATOM   58  C  CA   . VAL A 1 13 ? -2.31174  -4.80415  1.25889   1.000 14.62983 ?  7   VAL A CA   1 
ATOM   59  C  C    . VAL A 1 13 ? -2.41211  -4.17535  2.64126   1.000 13.60733 ?  7   VAL A C    1 
ATOM   60  O  O    . VAL A 1 13 ? -2.35434  -4.86626  3.66468   1.000 14.84558 ?  7   VAL A O    1 
ATOM   61  C  CB   . VAL A 1 13 ? -3.61265  -5.53122  0.87989   1.000 14.31730 ?  7   VAL A CB   1 
ATOM   62  C  CG1  . VAL A 1 13 ? -4.81149  -4.63680  1.12686   1.000 16.45847 ?  7   VAL A CG1  1 
ATOM   63  C  CG2  . VAL A 1 13 ? -3.55628  -5.99683  -0.56670  1.000 18.28448 ?  7   VAL A CG2  1 
ATOM   64  N  N    . TYR A 1 14 ? -2.59837  -2.85896  2.68674   1.000 12.94912 ?  8   TYR A N    1 
ATOM   65  C  CA   . TYR A 1 14 ? -2.91034  -2.18246  3.93860   1.000 13.89254 ?  8   TYR A CA   1 
ATOM   66  C  C    . TYR A 1 14 ? -4.34588  -2.52098  4.31184   1.000 15.97271 ?  8   TYR A C    1 
ATOM   67  O  O    . TYR A 1 14 ? -5.29159  -2.02636  3.68359   1.000 15.31339 ?  8   TYR A O    1 
ATOM   68  C  CB   . TYR A 1 14 ? -2.71145  -0.67975  3.74918   1.000 14.25914 ?  8   TYR A CB   1 
ATOM   69  C  CG   . TYR A 1 14 ? -2.72689  0.17983   5.00270   1.000 13.04854 ?  8   TYR A CG   1 
ATOM   70  C  CD1  . TYR A 1 14 ? -3.71057  0.03081   5.99075   1.000 14.25417 ?  8   TYR A CD1  1 
ATOM   71  C  CD2  . TYR A 1 14 ? -1.77579  1.18419   5.18177   1.000 12.95271 ?  8   TYR A CD2  1 
ATOM   72  C  CE1  . TYR A 1 14 ? -3.72568  0.84167   7.11939   1.000 15.62524 ?  8   TYR A CE1  1 
ATOM   73  C  CE2  . TYR A 1 14 ? -1.78751  2.00744   6.30137   1.000 12.98260 ?  8   TYR A CE2  1 
ATOM   74  C  CZ   . TYR A 1 14 ? -2.76692  1.82724   7.26545   1.000 14.87710 ?  8   TYR A CZ   1 
ATOM   75  O  OH   . TYR A 1 14 ? -2.79224  2.61908   8.39553   1.000 17.99064 ?  8   TYR A OH   1 
ATOM   76  N  N    . GLU A 1 15 ? -4.50927  -3.37756  5.32734   1.000 18.05916 ?  9   GLU A N    1 
ATOM   77  C  CA   . GLU A 1 15 ? -5.82929  -3.89066  5.66900   1.000 21.23039 ?  9   GLU A CA   1 
ATOM   78  C  C    . GLU A 1 15 ? -6.74574  -2.75827  6.10822   1.000 18.24324 ?  9   GLU A C    1 
ATOM   79  O  O    . GLU A 1 15 ? -6.38145  -1.93725  6.95680   1.000 19.14876 ?  9   GLU A O    1 
ATOM   80  C  CB   . GLU A 1 15 ? -5.70139  -4.91903  6.79245   1.000 23.99814 ?  9   GLU A CB   1 
ATOM   81  C  CG   . GLU A 1 15 ? -7.02943  -5.48844  7.25104   1.000 28.53040 ?  9   GLU A CG   1 
ATOM   82  C  CD   . GLU A 1 15 ? -6.85877  -6.57654  8.28398   1.000 33.62958 ?  9   GLU A CD   1 
ATOM   83  O  OE1  . GLU A 1 15 ? -7.69526  -7.50258  8.31093   1.000 37.34850 ?  9   GLU A OE1  1 
ATOM   84  O  OE2  . GLU A 1 15 ? -5.88849  -6.50189  9.06951   1.000 39.71090 -1 9   GLU A OE2  1 
ATOM   85  N  N    . ASN A 1 16 ? -7.94733  -2.72254  5.53335   1.000 21.39548 ?  10  ASN A N    1 
ATOM   86  C  CA   . ASN A 1 16 ? -8.98971  -1.77953  5.92699   1.000 22.65562 ?  10  ASN A CA   1 
ATOM   87  C  C    . ASN A 1 16 ? -8.63610  -0.32863  5.62037   1.000 21.57404 ?  10  ASN A C    1 
ATOM   88  O  O    . ASN A 1 16 ? -9.19768  0.58861   6.22010   1.000 24.48722 ?  10  ASN A O    1 
ATOM   89  C  CB   . ASN A 1 16 ? -9.37545  -1.93860  7.40343   1.000 25.99525 ?  10  ASN A CB   1 
ATOM   90  C  CG   . ASN A 1 16 ? -9.99719  -3.28988  7.69989   1.000 29.40581 ?  10  ASN A CG   1 
ATOM   91  O  OD1  . ASN A 1 16 ? -10.66428 -3.88083  6.84766   1.000 31.15037 ?  10  ASN A OD1  1 
ATOM   92  N  ND2  . ASN A 1 16 ? -9.77418  -3.78937  8.91322   1.000 32.52519 ?  10  ASN A ND2  1 
ATOM   93  N  N    . TYR A 1 17 ? -7.72065  -0.09231  4.69440   1.000 19.08828 ?  11  TYR A N    1 
ATOM   94  C  CA   . TYR A 1 17 ? -7.38279  1.27594   4.34788   1.000 17.63395 ?  11  TYR A CA   1 
ATOM   95  C  C    . TYR A 1 17 ? -8.55305  1.95011   3.63655   1.000 17.54043 ?  11  TYR A C    1 
ATOM   96  O  O    . TYR A 1 17 ? -9.19410  1.33698   2.77951   1.000 19.18108 ?  11  TYR A O    1 
ATOM   97  C  CB   . TYR A 1 17 ? -6.19865  1.25789   3.41002   1.000 16.92824 ?  11  TYR A CB   1 
ATOM   98  C  CG   . TYR A 1 17 ? -5.54684  2.59025   3.20328   1.000 14.83583 ?  11  TYR A CG   1 
ATOM   99  C  CD1  . TYR A 1 17 ? -4.71235  3.12764   4.16032   1.000 15.46364 ?  11  TYR A CD1  1 
ATOM   100 C  CD2  . TYR A 1 17 ? -5.75098  3.30704   2.03825   1.000 15.12134 ?  11  TYR A CD2  1 
ATOM   101 C  CE1  . TYR A 1 17 ? -4.09531  4.34470   3.96071   1.000 15.52807 ?  11  TYR A CE1  1 
ATOM   102 C  CE2  . TYR A 1 17 ? -5.13217  4.51291   1.82732   1.000 15.00507 ?  11  TYR A CE2  1 
ATOM   103 C  CZ   . TYR A 1 17 ? -4.30707  5.02846   2.78958   1.000 13.52110 ?  11  TYR A CZ   1 
ATOM   104 O  OH   . TYR A 1 17 ? -3.70061  6.24244   2.57514   1.000 15.65602 ?  11  TYR A OH   1 
ATOM   105 H  HA   . TYR A 1 17 ? -7.17558  1.78047   5.15002   1.000 21.19122 ?  11  TYR A HA   1 
ATOM   106 H  HB2  . TYR A 1 17 ? -5.52814  0.65713   3.77110   1.000 20.34437 ?  11  TYR A HB2  1 
ATOM   107 H  HB3  . TYR A 1 17 ? -6.49636  0.94028   2.54318   1.000 20.34437 ?  11  TYR A HB3  1 
ATOM   108 H  HD1  . TYR A 1 17 ? -4.56346  2.66267   4.95186   1.000 18.58685 ?  11  TYR A HD1  1 
ATOM   109 H  HD2  . TYR A 1 17 ? -6.31844  2.96505   1.38562   1.000 18.17609 ?  11  TYR A HD2  1 
ATOM   110 H  HE1  . TYR A 1 17 ? -3.53897  4.70008   4.61576   1.000 18.66416 ?  11  TYR A HE1  1 
ATOM   111 H  HE2  . TYR A 1 17 ? -5.27270  4.97782   1.03422   1.000 18.03656 ?  11  TYR A HE2  1 
ATOM   112 H  HH   . TYR A 1 17 ? -3.25478  6.46435   3.25160   1.000 18.81770 ?  11  TYR A HH   1 
ATOM   113 N  N    . PRO A 1 18 ? -8.83572  3.21401   3.94538   1.000 19.27809 ?  12  PRO A N    1 
ATOM   114 C  CA   . PRO A 1 18 ? -9.90246  3.91966   3.21989   1.000 20.25794 ?  12  PRO A CA   1 
ATOM   115 C  C    . PRO A 1 18 ? -9.48867  4.21285   1.78512   1.000 19.73464 ?  12  PRO A C    1 
ATOM   116 O  O    . PRO A 1 18 ? -8.64245  5.07787   1.52834   1.000 18.72596 ?  12  PRO A O    1 
ATOM   117 C  CB   . PRO A 1 18 ? -10.09465 5.20854   4.03290   1.000 23.40963 ?  12  PRO A CB   1 
ATOM   118 C  CG   . PRO A 1 18 ? -9.37803  4.96589   5.35302   1.000 28.49834 ?  12  PRO A CG   1 
ATOM   119 C  CD   . PRO A 1 18 ? -8.25747  4.04012   5.01497   1.000 20.11310 ?  12  PRO A CD   1 
ATOM   120 N  N    . VAL A 1 19 ? -10.07752 3.47379   0.84444   1.000 23.24852 ?  13  VAL A N    1 
ATOM   121 C  CA   . VAL A 1 19 ? -9.68457  3.56625   -0.55723  1.000 23.28936 ?  13  VAL A CA   1 
ATOM   122 C  C    . VAL A 1 19 ? -9.82353  4.98472   -1.09462  1.000 20.16318 ?  13  VAL A C    1 
ATOM   123 O  O    . VAL A 1 19 ? -9.13933  5.35704   -2.05663  1.000 19.50017 ?  13  VAL A O    1 
ATOM   124 C  CB   . VAL A 1 19 ? -10.48412 2.55328   -1.40246  1.000 27.07688 ?  13  VAL A CB   1 
ATOM   125 C  CG1  . VAL A 1 19 ? -11.95817 2.91587   -1.39488  1.000 27.95188 ?  13  VAL A CG1  1 
ATOM   126 C  CG2  . VAL A 1 19 ? -9.95631  2.52848   -2.83065  1.000 27.45486 ?  13  VAL A CG2  1 
ATOM   127 N  N    . SER A 1 20 ? -10.70742 5.79308   -0.50533  1.000 20.71993 ?  14  SER A N    1 
ATOM   128 C  CA   . SER A 1 20 ? -10.84307 7.17504   -0.95955  1.000 20.43564 ?  14  SER A CA   1 
ATOM   129 C  C    . SER A 1 20 ? -9.51467  7.91711   -0.90751  1.000 19.53418 ?  14  SER A C    1 
ATOM   130 O  O    . SER A 1 20 ? -9.28588  8.84114   -1.69706  1.000 20.62934 ?  14  SER A O    1 
ATOM   131 C  CB   . SER A 1 20 ? -11.88381 7.90936   -0.11493  1.000 21.25048 ?  14  SER A CB   1 
ATOM   132 O  OG   . SER A 1 20 ? -11.45163 8.01190   1.23513   1.000 25.94604 ?  14  SER A OG   1 
ATOM   133 H  HA   . SER A 1 20 ? -11.15047 7.16675   -1.87951  1.000 24.55325 ?  14  SER A HA   1 
ATOM   134 H  HB2  . SER A 1 20 ? -12.01174 8.80094   -0.47494  1.000 25.53105 ?  14  SER A HB2  1 
ATOM   135 H  HB3  . SER A 1 20 ? -12.71911 7.41707   -0.14340  1.000 25.53105 ?  14  SER A HB3  1 
ATOM   136 H  HG   . SER A 1 20 ? -12.02741 8.41972   1.69091   1.000 31.16573 ?  14  SER A HG   1 
ATOM   137 N  N    . LYS A 1 21 ? -8.62443  7.52518   0.00637   1.000 17.39753 ?  15  LYS A N    1 
ATOM   138 C  CA   . LYS A 1 21 ? -7.32744  8.18347   0.12422   1.000 17.18828 ?  15  LYS A CA   1 
ATOM   139 C  C    . LYS A 1 21 ? -6.40064  7.86128   -1.03989  1.000 15.04713 ?  15  LYS A C    1 
ATOM   140 O  O    . LYS A 1 21 ? -5.38259  8.53906   -1.20550  1.000 16.12433 ?  15  LYS A O    1 
ATOM   141 C  CB   . LYS A 1 21 ? -6.67226  7.82542   1.45731   1.000 17.85838 ?  15  LYS A CB   1 
ATOM   142 C  CG   . LYS A 1 21 ? -7.36590  8.49784   2.63315   1.000 22.99366 ?  15  LYS A CG   1 
ATOM   143 C  CD   . LYS A 1 21 ? -6.70196  8.20969   3.96215   1.000 25.14662 ?  15  LYS A CD   1 
ATOM   144 C  CE   . LYS A 1 21 ? -7.67608  8.49763   5.09820   1.000 29.31408 ?  15  LYS A CE   1 
ATOM   145 N  NZ   . LYS A 1 21 ? -6.98945  8.99705   6.30889   1.000 33.72809 ?  15  LYS A NZ   1 
ATOM   146 H  H    . LYS A 1 21 ? -8.74866  6.88397   0.56585   1.000 20.90752 ?  15  LYS A H    1 
ATOM   147 H  HA   . LYS A 1 21 ? -7.46061  9.14428   0.12615   1.000 20.65642 ?  15  LYS A HA   1 
ATOM   148 H  HB2  . LYS A 1 21 ? -6.71786  6.86519   1.58681   1.000 21.46054 ?  15  LYS A HB2  1 
ATOM   149 H  HB3  . LYS A 1 21 ? -5.74655  8.11494   1.44510   1.000 21.46054 ?  15  LYS A HB3  1 
ATOM   150 H  HG2  . LYS A 1 21 ? -7.35542  9.45823   2.49738   1.000 27.62287 ?  15  LYS A HG2  1 
ATOM   151 H  HG3  . LYS A 1 21 ? -8.28092  8.17974   2.68253   1.000 27.62287 ?  15  LYS A HG3  1 
ATOM   152 H  HD2  . LYS A 1 21 ? -6.44186  7.27612   4.00314   1.000 30.20642 ?  15  LYS A HD2  1 
ATOM   153 H  HD3  . LYS A 1 21 ? -5.92195  8.77638   4.06868   1.000 30.20642 ?  15  LYS A HD3  1 
ATOM   154 H  HE2  . LYS A 1 21 ? -8.31051  9.17263   4.81045   1.000 35.20738 ?  15  LYS A HE2  1 
ATOM   155 H  HE3  . LYS A 1 21 ? -8.14394  7.68057   5.33145   1.000 35.20738 ?  15  LYS A HE3  1 
ATOM   156 H  HZ1  . LYS A 1 21 ? -7.58335  9.15317   6.95309   1.000 40.50419 ?  15  LYS A HZ1  1 
ATOM   157 H  HZ2  . LYS A 1 21 ? -6.40276  8.39303   6.59710   1.000 40.50419 ?  15  LYS A HZ2  1 
ATOM   158 H  HZ3  . LYS A 1 21 ? -6.55820  9.75335   6.12412   1.000 40.50419 ?  15  LYS A HZ3  1 
ATOM   159 N  N    . CYS A 1 22 ? -6.74140  6.87664   -1.87675  1.000 16.40314 ?  16  CYS A N    1 
ATOM   160 C  CA   . CYS A 1 22 ? -5.93687  6.62592   -3.06471  1.000 15.69397 ?  16  CYS A CA   1 
ATOM   161 C  C    . CYS A 1 22 ? -5.99585  7.79302   -4.03609  1.000 16.80878 ?  16  CYS A C    1 
ATOM   162 O  O    . CYS A 1 22 ? -5.14225  7.88439   -4.91802  1.000 17.56505 ?  16  CYS A O    1 
ATOM   163 C  CB   . CYS A 1 22 ? -6.38956  5.35108   -3.77069  1.000 15.97666 ?  16  CYS A CB   1 
ATOM   164 S  SG   . CYS A 1 22 ? -5.90208  3.82311   -2.92351  1.000 17.56379 ?  16  CYS A SG   1 
ATOM   165 H  H    . CYS A 1 22 ? -7.41771  6.35462   -1.77829  1.000 19.71425 ?  16  CYS A H    1 
ATOM   166 H  HA   . CYS A 1 22 ? -5.01663  6.49354   -2.78804  1.000 18.86325 ?  16  CYS A HA   1 
ATOM   167 H  HB2  . CYS A 1 22 ? -7.35753  5.35772   -3.83307  1.000 19.20247 ?  16  CYS A HB2  1 
ATOM   168 H  HB3  . CYS A 1 22 ? -6.00000  5.33296   -4.65885  1.000 19.20247 ?  16  CYS A HB3  1 
ATOM   169 H  HG   . CYS A 1 22 ? -6.37741  3.81859   -1.82168  1.000 21.10702 ?  16  CYS A HG   1 
ATOM   170 N  N    . GLN A 1 23 ? -6.96811  8.69403   -3.86733  1.000 16.76765 ?  17  GLN A N    1 
ATOM   171 C  CA   . GLN A 1 23 ? -7.08970  9.88945   -4.69175  1.000 17.23944 ?  17  GLN A CA   1 
ATOM   172 C  C    . GLN A 1 23 ? -6.09340  10.97099  -4.30478  1.000 16.83462 ?  17  GLN A C    1 
ATOM   173 O  O    . GLN A 1 23 ? -5.93288  11.94080  -5.05502  1.000 16.16766 ?  17  GLN A O    1 
ATOM   174 C  CB   . GLN A 1 23 ? -8.51042  10.46467  -4.57984  1.000 20.35250 ?  17  GLN A CB   1 
ATOM   175 C  CG   . GLN A 1 23 ? -9.63067  9.47499   -4.88910  1.000 23.74299 ?  17  GLN A CG   1 
ATOM   176 C  CD   . GLN A 1 23 ? -9.61203  9.04154   -6.33660  1.000 25.85329 ?  17  GLN A CD   1 
ATOM   177 O  OE1  . GLN A 1 23 ? -9.68035  9.87490   -7.24110  1.000 29.20162 ?  17  GLN A OE1  1 
ATOM   178 N  NE2  . GLN A 1 23 ? -9.54441  7.73202   -6.56931  1.000 28.46214 ?  17  GLN A NE2  1 
ATOM   179 H  H    . GLN A 1 23 ? -7.58131  8.63070   -3.26769  1.000 20.15166 ?  17  GLN A H    1 
ATOM   180 H  HA   . GLN A 1 23 ? -6.93221  9.64244   -5.61646  1.000 20.71781 ?  17  GLN A HA   1 
ATOM   181 H  HB2  . GLN A 1 23 ? -8.64339  10.78089  -3.67252  1.000 24.45348 ?  17  GLN A HB2  1 
ATOM   182 H  HB3  . GLN A 1 23 ? -8.59325  11.20266  -5.20386  1.000 24.45348 ?  17  GLN A HB3  1 
ATOM   183 H  HG2  . GLN A 1 23 ? -9.52325  8.68666   -4.33421  1.000 28.52207 ?  17  GLN A HG2  1 
ATOM   184 H  HG3  . GLN A 1 23 ? -10.48661 9.89395   -4.70812  1.000 28.52207 ?  17  GLN A HG3  1 
ATOM   185 H  HE21 . GLN A 1 23 ? -9.51381  7.17934   -5.91114  1.000 34.18505 ?  17  GLN A HE21 1 
ATOM   186 H  HE22 . GLN A 1 23 ? -9.53135  7.43908   -7.37777  1.000 34.18505 ?  17  GLN A HE22 1 
ATOM   187 N  N    . LEU A 1 24 ? -5.41554  10.82760  -3.15876  1.000 15.04012 ?  18  LEU A N    1 
ATOM   188 C  CA   . LEU A 1 24 ? -4.52539  11.84846  -2.62673  1.000 15.30184 ?  18  LEU A CA   1 
ATOM   189 C  C    . LEU A 1 24 ? -3.07209  11.50074  -2.93351  1.000 15.28124 ?  18  LEU A C    1 
ATOM   190 O  O    . LEU A 1 24 ? -2.59767  10.40353  -2.60195  1.000 14.88388 ?  18  LEU A O    1 
ATOM   191 C  CB   . LEU A 1 24 ? -4.72275  11.97700  -1.11553  1.000 16.46363 ?  18  LEU A CB   1 
ATOM   192 C  CG   . LEU A 1 24 ? -6.14953  12.31204  -0.66427  1.000 19.85827 ?  18  LEU A CG   1 
ATOM   193 C  CD1  . LEU A 1 24 ? -6.33067  12.09500  0.83244   1.000 21.46056 ?  18  LEU A CD1  1 
ATOM   194 C  CD2  . LEU A 1 24 ? -6.55344  13.72366  -1.05484  1.000 25.62606 ?  18  LEU A CD2  1 
ATOM   195 H  H    . LEU A 1 24 ? -5.46099  10.12605  -2.66343  1.000 18.07862 ?  18  LEU A H    1 
ATOM   196 H  HA   . LEU A 1 24 ? -4.72079  12.69861  -3.05098  1.000 18.39268 ?  18  LEU A HA   1 
ATOM   197 H  HB2  . LEU A 1 24 ? -4.47922  11.13326  -0.70360  1.000 19.78684 ?  18  LEU A HB2  1 
ATOM   198 H  HB3  . LEU A 1 24 ? -4.14291  12.68393  -0.79157  1.000 19.78684 ?  18  LEU A HB3  1 
ATOM   199 H  HG   . LEU A 1 24 ? -6.74715  11.70280  -1.12535  1.000 23.86040 ?  18  LEU A HG   1 
ATOM   200 H  HD11 . LEU A 1 24 ? -7.24544  12.30879  1.07411   1.000 25.78315 ?  18  LEU A HD11 1 
ATOM   201 H  HD12 . LEU A 1 24 ? -6.14138  11.16706  1.04216   1.000 25.78315 ?  18  LEU A HD12 1 
ATOM   202 H  HD13 . LEU A 1 24 ? -5.71788  12.67416  1.31197   1.000 25.78315 ?  18  LEU A HD13 1 
ATOM   203 H  HD21 . LEU A 1 24 ? -7.46096  13.88717  -0.75387  1.000 30.78176 ?  18  LEU A HD21 1 
ATOM   204 H  HD22 . LEU A 1 24 ? -5.94705  14.35337  -0.63453  1.000 30.78176 ?  18  LEU A HD22 1 
ATOM   205 H  HD23 . LEU A 1 24 ? -6.50419  13.81071  -2.01967  1.000 30.78176 ?  18  LEU A HD23 1 
ATOM   206 N  N    . ALA A 1 25 ? -2.36515  12.43147  -3.55958  1.000 14.46338 ?  19  ALA A N    1 
ATOM   207 C  CA   . ALA A 1 25 ? -0.97632  12.20285  -3.92205  1.000 14.58649 ?  19  ALA A CA   1 
ATOM   208 C  C    . ALA A 1 25 ? -0.16328  11.84147  -2.68692  1.000 14.42244 ?  19  ALA A C    1 
ATOM   209 O  O    . ALA A 1 25 ? -0.22258  12.52142  -1.66367  1.000 14.78082 ?  19  ALA A O    1 
ATOM   210 C  CB   . ALA A 1 25 ? -0.39209  13.45767  -4.57510  1.000 18.36222 ?  19  ALA A CB   1 
ATOM   211 H  H    . ALA A 1 25 ? -2.66675  13.20440  -3.78587  1.000 17.38654 ?  19  ALA A H    1 
ATOM   212 H  HA   . ALA A 1 25 ? -0.92614  11.47069  -4.55635  1.000 17.53427 ?  19  ALA A HA   1 
ATOM   213 H  HB1  . ALA A 1 25 ? 0.53869   13.29526  -4.79459  1.000 22.06514 ?  19  ALA A HB1  1 
ATOM   214 H  HB2  . ALA A 1 25 ? -0.89252  13.65587  -5.38206  1.000 22.06514 ?  19  ALA A HB2  1 
ATOM   215 H  HB3  . ALA A 1 25 ? -0.46079  14.19864  -3.95289  1.000 22.06514 ?  19  ALA A HB3  1 
ATOM   216 N  N    . ASN A 1 26 ? 0.60044   10.76187  -2.79604  1.000 13.64238 ?  20  ASN A N    1 
ATOM   217 C  CA   . ASN A 1 26 ? 1.55583   10.30456  -1.78887  1.000 15.01896 ?  20  ASN A CA   1 
ATOM   218 C  C    . ASN A 1 26 ? 0.90741   9.76968   -0.52577  1.000 13.88316 ?  20  ASN A C    1 
ATOM   219 O  O    . ASN A 1 26 ? 1.63029   9.42634   0.40971   1.000 13.40714 ?  20  ASN A O    1 
ATOM   220 C  CB   . ASN A 1 26 ? 2.56496   11.39638  -1.38168  1.000 15.41474 ?  20  ASN A CB   1 
ATOM   221 C  CG   . ASN A 1 26 ? 3.79927   10.83001  -0.70272  1.000 16.08137 ?  20  ASN A CG   1 
ATOM   222 O  OD1  . ASN A 1 26 ? 4.40687   9.89285   -1.19834  1.000 16.00865 ?  20  ASN A OD1  1 
ATOM   223 N  ND2  . ASN A 1 26 ? 4.18061   11.42359  0.43033   1.000 17.19654 ?  20  ASN A ND2  1 
ATOM   224 H  H    . ASN A 1 26 ? 0.58146   10.24812  -3.48546  1.000 16.40133 ?  20  ASN A H    1 
ATOM   225 H  HA   . ASN A 1 26 ? 2.04492   9.57201   -2.19513  1.000 18.05323 ?  20  ASN A HA   1 
ATOM   226 H  HB2  . ASN A 1 26 ? 2.85172   11.87400  -2.17575  1.000 18.52817 ?  20  ASN A HB2  1 
ATOM   227 H  HB3  . ASN A 1 26 ? 2.13633   12.00837  -0.76310  1.000 18.52817 ?  20  ASN A HB3  1 
ATOM   228 H  HD21 . ASN A 1 26 ? 4.87391   11.13939  0.85243   1.000 20.66633 ?  20  ASN A HD21 1 
ATOM   229 H  HD22 . ASN A 1 26 ? 3.73301   12.09024  0.73828   1.000 20.66633 ?  20  ASN A HD22 1 
ATOM   230 N  N    . GLN A 1 27 ? -0.41919  9.68299   -0.44700  1.000 12.30467 ?  21  GLN A N    1 
ATOM   231 C  CA   . GLN A 1 27 ? -1.05339  9.37825   0.82752   1.000 13.26352 ?  21  GLN A CA   1 
ATOM   232 C  C    . GLN A 1 27 ? -0.86568  7.91817   1.22932   1.000 13.40322 ?  21  GLN A C    1 
ATOM   233 O  O    . GLN A 1 27 ? -0.55518  7.62837   2.39399   1.000 12.27599 ?  21  GLN A O    1 
ATOM   234 C  CB   . GLN A 1 27 ? -2.53869  9.74978   0.79404   1.000 14.42058 ?  21  GLN A CB   1 
ATOM   235 C  CG   . GLN A 1 27 ? -3.17384  9.78790   2.16958   1.000 16.76886 ?  21  GLN A CG   1 
ATOM   236 C  CD   . GLN A 1 27 ? -2.53432  10.80519  3.07889   1.000 19.28956 ?  21  GLN A CD   1 
ATOM   237 O  OE1  . GLN A 1 27 ? -2.36694  11.96754  2.70552   1.000 20.61311 ?  21  GLN A OE1  1 
ATOM   238 N  NE2  . GLN A 1 27 ? -2.17828  10.38177  4.27969   1.000 20.29354 ?  21  GLN A NE2  1 
ATOM   239 H  H    . GLN A 1 27 ? -0.96221  9.79435   -1.10452  1.000 14.79608 ?  21  GLN A H    1 
ATOM   240 H  HA   . GLN A 1 27 ? -0.62641  9.92256   1.50747   1.000 15.94671 ?  21  GLN A HA   1 
ATOM   241 H  HB2  . GLN A 1 27 ? -2.63369  10.62947  0.39653   1.000 17.33518 ?  21  GLN A HB2  1 
ATOM   242 H  HB3  . GLN A 1 27 ? -3.01511  9.09256   0.26301   1.000 17.33518 ?  21  GLN A HB3  1 
ATOM   243 H  HG2  . GLN A 1 27 ? -4.11237  10.01529  2.07820   1.000 20.15311 ?  21  GLN A HG2  1 
ATOM   244 H  HG3  . GLN A 1 27 ? -3.08264  8.91571   2.58416   1.000 20.15311 ?  21  GLN A HG3  1 
ATOM   245 H  HE21 . GLN A 1 27 ? -2.31568  9.56333   4.50528   1.000 24.38273 ?  21  GLN A HE21 1 
ATOM   246 H  HE22 . GLN A 1 27 ? -1.80929  10.92477  4.83520   1.000 24.38273 ?  21  GLN A HE22 1 
ATOM   247 N  N    . CYS A 1 28 ? -1.06195  6.98044   0.30293   1.000 11.34882 ?  22  CYS A N    1 
ATOM   248 C  CA   . CYS A 1 28 ? -0.80905  5.57622   0.62049   1.000 11.26878 ?  22  CYS A CA   1 
ATOM   249 C  C    . CYS A 1 28 ? 0.65064   5.36565   1.00029   1.000 11.59008 ?  22  CYS A C    1 
ATOM   250 O  O    . CYS A 1 28 ? 0.94757   4.65680   1.96991   1.000 11.85712 ?  22  CYS A O    1 
ATOM   251 C  CB   . CYS A 1 28 ? -1.19500  4.70012   -0.57837  1.000 13.20768 ?  22  CYS A CB   1 
ATOM   252 S  SG   . CYS A 1 28 ? -0.76585  2.94930   -0.43822  1.000 13.36193 ?  22  CYS A SG   1 
ATOM   253 H  H    . CYS A 1 28 ? -1.33501  7.12676   -0.49933  1.000 13.64907 ?  22  CYS A H    1 
ATOM   254 H  HA   . CYS A 1 28 ? -1.35719  5.30883   1.37479   1.000 13.55301 ?  22  CYS A HA   1 
ATOM   255 H  HB2  . CYS A 1 28 ? -2.15631  4.75262   -0.69678  1.000 15.87970 ?  22  CYS A HB2  1 
ATOM   256 H  HB3  . CYS A 1 28 ? -0.74449  5.04517   -1.36507  1.000 15.87970 ?  22  CYS A HB3  1 
ATOM   257 N  N    . ASN A 1 29 ? 1.57281   5.98971   0.27290   1.000 12.02677 ?  23  ASN A N    1 
ATOM   258 C  CA   . ASN A 1 29 ? 2.98986   5.90028   0.61461   1.000 10.97105 ?  23  ASN A CA   1 
ATOM   259 C  C    . ASN A 1 29 ? 3.25202   6.43523   2.02214   1.000 11.74998 ?  23  ASN A C    1 
ATOM   260 O  O    . ASN A 1 29 ? 3.89875   5.77386   2.85295   1.000 11.42024 ?  23  ASN A O    1 
ATOM   261 C  CB   . ASN A 1 29 ? 3.79812   6.67839   -0.42501  1.000 11.19733 ?  23  ASN A CB   1 
ATOM   262 C  CG   . ASN A 1 29 ? 5.28090   6.60169   -0.17579  1.000 12.56747 ?  23  ASN A CG   1 
ATOM   263 O  OD1  . ASN A 1 29 ? 5.87323   5.52092   -0.19167  1.000 13.14809 ?  23  ASN A OD1  1 
ATOM   264 N  ND2  . ASN A 1 29 ? 5.89919   7.75771   0.08098   1.000 15.02508 ?  23  ASN A ND2  1 
ATOM   265 N  N    . TYR A 1 30 ? 2.72617   7.61814   2.31777   1.000 11.29751 ?  24  TYR A N    1 
ATOM   266 C  CA   . TYR A 1 30 ? 2.91721   8.22585   3.62754   1.000 12.00458 ?  24  TYR A CA   1 
ATOM   267 C  C    . TYR A 1 30 ? 2.39231   7.31900   4.73067   1.000 11.92302 ?  24  TYR A C    1 
ATOM   268 O  O    . TYR A 1 30 ? 3.09176   7.04817   5.71306   1.000 12.04317 ?  24  TYR A O    1 
ATOM   269 C  CB   . TYR A 1 30 ? 2.20948   9.58483   3.66134   1.000 13.65304 ?  24  TYR A CB   1 
ATOM   270 C  CG   . TYR A 1 30 ? 2.39754   10.33211  4.95587   1.000 13.12125 ?  24  TYR A CG   1 
ATOM   271 C  CD1  . TYR A 1 30 ? 1.54859   10.11520  6.03214   1.000 15.50867 ?  24  TYR A CD1  1 
ATOM   272 C  CD2  . TYR A 1 30 ? 3.42463   11.25134  5.10710   1.000 14.93916 ?  24  TYR A CD2  1 
ATOM   273 C  CE1  . TYR A 1 30 ? 1.72197   10.78352  7.23910   1.000 17.67533 ?  24  TYR A CE1  1 
ATOM   274 C  CE2  . TYR A 1 30 ? 3.60505   11.93220  6.31827   1.000 15.91282 ?  24  TYR A CE2  1 
ATOM   275 C  CZ   . TYR A 1 30 ? 2.75164   11.69144  7.36317   1.000 17.08474 ?  24  TYR A CZ   1 
ATOM   276 O  OH   . TYR A 1 30 ? 2.93673   12.36237  8.56547   1.000 21.29018 ?  24  TYR A OH   1 
ATOM   277 N  N    . ASP A 1 31 ? 1.15420   6.84856   4.60010   1.000 11.86211 ?  25  ASP A N    1 
ATOM   278 C  CA   . ASP A 1 31 ? 0.53189   6.03914   5.64112   1.000 12.14509 ?  25  ASP A CA   1 
ATOM   279 C  C    . ASP A 1 31 ? 1.22260   4.68271   5.79145   1.000 12.24945 ?  25  ASP A C    1 
ATOM   280 O  O    . ASP A 1 31 ? 1.37454   4.18134   6.91184   1.000 12.70497 ?  25  ASP A O    1 
ATOM   281 C  CB   . ASP A 1 31 ? -0.94514  5.88777   5.28079   1.000 13.68323 ?  25  ASP A CB   1 
ATOM   282 C  CG   . ASP A 1 31 ? -1.74270  7.15873   5.54138   1.000 15.02729 ?  25  ASP A CG   1 
ATOM   283 O  OD1  . ASP A 1 31 ? -1.30930  8.03115   6.32825   1.000 15.37169 ?  25  ASP A OD1  1 
ATOM   284 O  OD2  . ASP A 1 31 ? -2.78784  7.33408   4.87546   1.000 15.75870 -1 25  ASP A OD2  1 
ATOM   285 N  N    . CYS A 1 32 ? 1.63832   4.06451   4.68327   1.000 11.54613 ?  26  CYS A N    1 
ATOM   286 C  CA   . CYS A 1 32 ? 2.38643   2.81367   4.77063   1.000 11.77599 ?  26  CYS A CA   1 
ATOM   287 C  C    . CYS A 1 32 ? 3.67440   3.00232   5.55487   1.000 11.30736 ?  26  CYS A C    1 
ATOM   288 O  O    . CYS A 1 32 ? 4.00714   2.18582   6.41656   1.000 11.07034 ?  26  CYS A O    1 
ATOM   289 C  CB   . CYS A 1 32 ? 2.69932   2.27097   3.37710   1.000 10.08951 ?  26  CYS A CB   1 
ATOM   290 S  SG   . CYS A 1 32 ? 1.28945   1.46462   2.57275   1.000 11.50911 ?  26  CYS A SG   1 
ATOM   291 N  N    . LYS A 1 33 ? 4.43251   4.04900   5.23212   1.000 11.16504 ?  27  LYS A N    1 
ATOM   292 C  CA   . LYS A 1 33 ? 5.72048   4.25629   5.88189   1.000 11.58469 ?  27  LYS A CA   1 
ATOM   293 C  C    . LYS A 1 33 ? 5.52789   4.58333   7.35381   1.000 12.63367 ?  27  LYS A C    1 
ATOM   294 O  O    . LYS A 1 33 ? 6.14555   3.95231   8.22317   1.000 12.97896 ?  27  LYS A O    1 
ATOM   295 C  CB   . LYS A 1 33 ? 6.49806   5.35038   5.14999   1.000 12.47132 ?  27  LYS A CB   1 
ATOM   296 C  CG   . LYS A 1 33 ? 6.90753   4.91838   3.75324   1.000 12.94420 ?  27  LYS A CG   1 
ATOM   297 C  CD   . LYS A 1 33 ? 7.74777   5.95682   3.03286   1.000 13.60256 ?  27  LYS A CD   1 
ATOM   298 C  CE   . LYS A 1 33 ? 9.16189   6.06923   3.61756   1.000 15.03714 ?  27  LYS A CE   1 
ATOM   299 N  NZ   . LYS A 1 33 ? 10.02334  6.95527   2.74736   1.000 17.26621 ?  27  LYS A NZ   1 
ATOM   300 N  N    . LEU A 1 34 ? 4.61815   5.50436   7.67175   1.000 12.42813 ?  28  LEU A N    1 
ATOM   301 C  CA   . LEU A 1 34 ? 4.44073   5.90762   9.06980   1.000 14.54290 ?  28  LEU A CA   1 
ATOM   302 C  C    . LEU A 1 34 ? 3.74072   4.82722   9.88105   1.000 14.61519 ?  28  LEU A C    1 
ATOM   303 O  O    . LEU A 1 34 ? 4.17519   4.48984   10.99594  1.000 15.98951 ?  28  LEU A O    1 
ATOM   304 C  CB   . LEU A 1 34 ? 3.62086   7.19343   9.15932   1.000 14.50348 ?  28  LEU A CB   1 
ATOM   305 C  CG   . LEU A 1 34 ? 4.33178   8.54313   9.13256   1.000 17.28455 ?  28  LEU A CG   1 
ATOM   306 C  CD1  . LEU A 1 34 ? 5.16966   8.72571   10.40053  1.000 22.94181 ?  28  LEU A CD1  1 
ATOM   307 C  CD2  . LEU A 1 34 ? 5.13101   8.72045   7.85531   1.000 15.64206 ?  28  LEU A CD2  1 
ATOM   308 N  N    . ASP A 1 35 ? 2.61635   4.31004   9.37363   1.000 13.29985 ?  29  ASP A N    1 
ATOM   309 C  CA   . ASP A 1 35 ? 1.78005   3.41713   10.17562  1.000 13.94900 ?  29  ASP A CA   1 
ATOM   310 C  C    . ASP A 1 35 ? 2.31376   1.99993   10.23281  1.000 13.72018 ?  29  ASP A C    1 
ATOM   311 O  O    . ASP A 1 35 ? 2.07156   1.30057   11.22295  1.000 16.09010 ?  29  ASP A O    1 
ATOM   312 C  CB   . ASP A 1 35 ? 0.32711   3.33305   9.67132   1.000 13.79643 ?  29  ASP A CB   1 
ATOM   313 C  CG   . ASP A 1 35 ? -0.32944  4.68708   9.47500   1.000 16.18288 ?  29  ASP A CG   1 
ATOM   314 O  OD1  . ASP A 1 35 ? 0.19052   5.70769   9.97498   1.000 18.01362 ?  29  ASP A OD1  1 
ATOM   315 O  OD2  . ASP A 1 35 ? -1.36309  4.73270   8.76570   1.000 16.27189 -1 29  ASP A OD2  1 
ATOM   316 N  N    . LYS A 1 36 ? 3.01515   1.55122   9.19985   1.000 12.74387 ?  30  LYS A N    1 
ATOM   317 C  CA   . LYS A 1 36 ? 3.42927   0.16121   9.10385   1.000 13.36528 ?  30  LYS A CA   1 
ATOM   318 C  C    . LYS A 1 36 ? 4.93482   -0.00534  9.08125   1.000 12.67430 ?  30  LYS A C    1 
ATOM   319 O  O    . LYS A 1 36 ? 5.41439   -1.14091  8.95743   1.000 14.33779 ?  30  LYS A O    1 
ATOM   320 C  CB   . LYS A 1 36 ? 2.84155   -0.47700  7.83750   1.000 14.33566 ?  30  LYS A CB   1 
ATOM   321 C  CG   . LYS A 1 36 ? 1.35354   -0.28233  7.65337   1.000 16.24439 ?  30  LYS A CG   1 
ATOM   322 C  CD   . LYS A 1 36 ? 0.52946   -1.08114  8.65090   1.000 17.92873 ?  30  LYS A CD   1 
ATOM   323 C  CE   . LYS A 1 36 ? -0.94964  -0.93299  8.35873   1.000 18.43803 ?  30  LYS A CE   1 
ATOM   324 N  NZ   . LYS A 1 36 ? -1.72019  -1.93695  9.14037   1.000 19.75000 ?  30  LYS A NZ   1 
ATOM   325 N  N    . HIS A 1 37 ? 5.70455   1.07656   9.18292   1.000 12.46861 ?  31  HIS A N    1 
ATOM   326 C  CA   . HIS A 1 37 ? 7.15166   0.98761   9.02285   1.000 13.27045 ?  31  HIS A CA   1 
ATOM   327 C  C    . HIS A 1 37 ? 7.55399   0.39509   7.67202   1.000 13.72859 ?  31  HIS A C    1 
ATOM   328 O  O    . HIS A 1 37 ? 8.63859   -0.19142  7.52051   1.000 14.20853 ?  31  HIS A O    1 
ATOM   329 C  CB   . HIS A 1 37 ? 7.80775   0.20557   10.17229  1.000 14.44462 ?  31  HIS A CB   1 
ATOM   330 C  CG   . HIS A 1 37 ? 7.77054   0.91756   11.48603  1.000 18.21519 ?  31  HIS A CG   1 
ATOM   331 N  ND1  . HIS A 1 37 ? 8.83966   1.63041   11.97476  1.000 21.42458 ?  31  HIS A ND1  1 
ATOM   332 C  CD2  . HIS A 1 37 ? 6.78739   1.02988   12.40875  1.000 17.59278 ?  31  HIS A CD2  1 
ATOM   333 C  CE1  . HIS A 1 37 ? 8.51996   2.14433   13.15046  1.000 16.47536 ?  31  HIS A CE1  1 
ATOM   334 N  NE2  . HIS A 1 37 ? 7.27727   1.80369   13.43273  1.000 19.88574 ?  31  HIS A NE2  1 
ATOM   335 N  N    . ALA A 1 38 ? 6.70525   0.56587   6.65142   1.000 11.92181 ?  32  ALA A N    1 
ATOM   336 C  CA   . ALA A 1 38 ? 7.04567   0.07027   5.33036   1.000 12.38421 ?  32  ALA A CA   1 
ATOM   337 C  C    . ALA A 1 38 ? 8.11604   0.94983   4.69326   1.000 11.29485 ?  32  ALA A C    1 
ATOM   338 O  O    . ALA A 1 38 ? 8.35968   2.08441   5.11564   1.000 12.74112 ?  32  ALA A O    1 
ATOM   339 C  CB   . ALA A 1 38 ? 5.79590   0.08378   4.44665   1.000 12.69378 ?  32  ALA A CB   1 
ATOM   340 N  N    . ARG A 1 39 ? 8.75568   0.42201   3.66116   1.000 11.89987 ?  33  ARG A N    1 
ATOM   341 C  CA   . ARG A 1 39 ? 9.66747   1.23125   2.86537   1.000 12.43313 ?  33  ARG A CA   1 
ATOM   342 C  C    . ARG A 1 39 ? 8.94172   2.17881   1.91903   1.000 13.25447 ?  33  ARG A C    1 
ATOM   343 O  O    . ARG A 1 39 ? 9.48751   3.22880   1.55894   1.000 13.92603 ?  33  ARG A O    1 
ATOM   344 C  CB   . ARG A 1 39 ? 10.59398  0.32702   2.05327   1.000 15.08578 ?  33  ARG A CB   1 
ATOM   345 C  CG   . ARG A 1 39 ? 11.41243  -0.62937  2.87794   1.000 20.00389 ?  33  ARG A CG   1 
ATOM   346 C  CD   . ARG A 1 39 ? 12.51064  0.07386   3.60085   1.000 25.25866 ?  33  ARG A CD   1 
ATOM   347 N  NE   . ARG A 1 39 ? 13.49146  -0.87694  4.11190   1.000 27.34299 ?  33  ARG A NE   1 
ATOM   348 C  CZ   . ARG A 1 39 ? 14.75043  -0.56968  4.38839   1.000 27.97895 ?  33  ARG A CZ   1 
ATOM   349 N  NH1  . ARG A 1 39 ? 15.22262  0.65174   4.19648   1.000 32.84824 ?  33  ARG A NH1  1 
ATOM   350 N  NH2  . ARG A 1 39 ? 15.55260  -1.50842  4.87795   1.000 32.14537 ?  33  ARG A NH2  1 
ATOM   351 N  N    . SER A 1 40 ? 7.73873   1.81543   1.48271   1.000 12.18855 ?  34  SER A N    1 
ATOM   352 C  CA   . SER A 1 40 ? 6.97807   2.62453   0.53364   1.000 11.70411 ?  34  SER A CA   1 
ATOM   353 C  C    . SER A 1 40 ? 5.57557   2.05058   0.47217   1.000 11.65221 ?  34  SER A C    1 
ATOM   354 O  O    . SER A 1 40 ? 5.27509   1.00807   1.05779   1.000 11.71975 ?  34  SER A O    1 
ATOM   355 C  CB   . SER A 1 40 ? 7.61050   2.60681   -0.86440  1.000 13.22340 ?  34  SER A CB   1 
ATOM   356 O  OG   . SER A 1 40 ? 7.58280   1.29497   -1.43283  1.000 15.03677 ?  34  SER A OG   1 
ATOM   357 N  N    . GLY A 1 41 ? 4.71724   2.73322   -0.27355  1.000 11.94606 ?  35  GLY A N    1 
ATOM   358 C  CA   . GLY A 1 41 ? 3.42022   2.18596   -0.61167  1.000 11.96160 ?  35  GLY A CA   1 
ATOM   359 C  C    . GLY A 1 41 ? 2.83457   2.93893   -1.78072  1.000 12.04660 ?  35  GLY A C    1 
ATOM   360 O  O    . GLY A 1 41 ? 3.21100   4.08638   -2.04135  1.000 13.46816 ?  35  GLY A O    1 
ATOM   361 N  N    . GLU A 1 42 ? 1.96679   2.25987   -2.52413  1.000 12.19033 ?  36  GLU A N    1 
ATOM   362 C  CA   . GLU A 1 42 ? 1.19150   2.92054   -3.56252  1.000 13.30525 ?  36  GLU A CA   1 
ATOM   363 C  C    . GLU A 1 42 ? -0.12237  2.18492   -3.69525  1.000 12.07069 ?  36  GLU A C    1 
ATOM   364 O  O    . GLU A 1 42 ? -0.26065  1.04389   -3.25803  1.000 12.63095 ?  36  GLU A O    1 
ATOM   365 C  CB   . GLU A 1 42 ? 1.89310   2.91196   -4.92921  1.000 16.05334 ?  36  GLU A CB   1 
ATOM   366 C  CG   . GLU A 1 42 ? 3.21073   3.70524   -5.01040  1.000 18.32563 ?  36  GLU A CG   1 
ATOM   367 C  CD   . GLU A 1 42 ? 3.08903   5.19478   -4.66423  1.000 19.10754 ?  36  GLU A CD   1 
ATOM   368 O  OE1  . GLU A 1 42 ? 1.97189   5.75434   -4.58376  1.000 19.35340 ?  36  GLU A OE1  1 
ATOM   369 O  OE2  . GLU A 1 42 ? 4.15999   5.81446   -4.45165  1.000 22.09137 -1 36  GLU A OE2  1 
ATOM   370 N  N    . CYS A 1 43 ? -1.09621  2.84169   -4.31801  1.000 13.29917 ?  37  CYS A N    1 
ATOM   371 C  CA   . CYS A 1 43 ? -2.32751  2.13675   -4.65615  1.000 12.61499 ?  37  CYS A CA   1 
ATOM   372 C  C    . CYS A 1 43 ? -2.18316  1.39195   -5.97775  1.000 12.10032 ?  37  CYS A C    1 
ATOM   373 O  O    . CYS A 1 43 ? -1.47954  1.82917   -6.89818  1.000 12.94898 ?  37  CYS A O    1 
ATOM   374 C  CB   . CYS A 1 43 ? -3.51840  3.08864   -4.69310  1.000 13.88600 ?  37  CYS A CB   1 
ATOM   375 S  SG   . CYS A 1 43 ? -3.84882  3.77431   -3.05595  1.000 14.63350 ?  37  CYS A SG   1 
ATOM   376 N  N    . PHE A 1 44 ? -2.83169  0.23289   -6.04376  1.000 12.45632 ?  38  PHE A N    1 
ATOM   377 C  CA   . PHE A 1 44 ? -2.81084  -0.63178  -7.21052  1.000 12.45192 ?  38  PHE A CA   1 
ATOM   378 C  C    . PHE A 1 44 ? -4.22788  -1.06158  -7.54141  1.000 12.79068 ?  38  PHE A C    1 
ATOM   379 O  O    . PHE A 1 44 ? -5.05211  -1.27886  -6.65042  1.000 14.22161 ?  38  PHE A O    1 
ATOM   380 C  CB   . PHE A 1 44 ? -2.01071  -1.92351  -6.95607  1.000 12.58288 ?  38  PHE A CB   1 
ATOM   381 C  CG   . PHE A 1 44 ? -0.52549  -1.71571  -6.85100  1.000 13.54734 ?  38  PHE A CG   1 
ATOM   382 C  CD1  . PHE A 1 44 ? 0.04009   -1.19648  -5.68872  1.000 13.64800 ?  38  PHE A CD1  1 
ATOM   383 C  CD2  . PHE A 1 44 ? 0.30219   -2.06120  -7.90238  1.000 14.88683 ?  38  PHE A CD2  1 
ATOM   384 C  CE1  . PHE A 1 44 ? 1.43214   -1.03058  -5.59514  1.000 14.88791 ?  38  PHE A CE1  1 
ATOM   385 C  CE2  . PHE A 1 44 ? 1.68634   -1.89780  -7.81318  1.000 16.73462 ?  38  PHE A CE2  1 
ATOM   386 C  CZ   . PHE A 1 44 ? 2.24139   -1.36751  -6.66042  1.000 16.06369 ?  38  PHE A CZ   1 
ATOM   387 N  N    . TYR A 1 45 ? -4.48182  -1.20985  -8.83906  1.000 12.34727 ?  39  TYR A N    1 
ATOM   388 C  CA   . TYR A 1 45 ? -5.71647  -1.83501  -9.30127  1.000 13.89418 ?  39  TYR A CA   1 
ATOM   389 C  C    . TYR A 1 45 ? -5.56130  -3.34907  -9.28847  1.000 13.86651 ?  39  TYR A C    1 
ATOM   390 O  O    . TYR A 1 45 ? -4.58015  -3.87764  -9.81474  1.000 15.75961 ?  39  TYR A O    1 
ATOM   391 C  CB   . TYR A 1 45 ? -5.99522  -1.40195  -10.73913 1.000 13.56538 ?  39  TYR A CB   1 
ATOM   392 C  CG   . TYR A 1 45 ? -6.27846  0.07195   -10.95618 1.000 12.66819 ?  39  TYR A CG   1 
ATOM   393 C  CD1  . TYR A 1 45 ? -7.56048  0.58334   -10.80836 1.000 14.19379 ?  39  TYR A CD1  1 
ATOM   394 C  CD2  . TYR A 1 45 ? -5.26744  0.93624   -11.37534 1.000 14.57064 ?  39  TYR A CD2  1 
ATOM   395 C  CE1  . TYR A 1 45 ? -7.82853  1.91849   -11.04195 1.000 13.80463 ?  39  TYR A CE1  1 
ATOM   396 C  CE2  . TYR A 1 45 ? -5.53031  2.26941   -11.61266 1.000 15.04317 ?  39  TYR A CE2  1 
ATOM   397 C  CZ   . TYR A 1 45 ? -6.81144  2.75992   -11.44587 1.000 13.84160 ?  39  TYR A CZ   1 
ATOM   398 O  OH   . TYR A 1 45 ? -7.04305  4.11045   -11.67810 1.000 14.80973 ?  39  TYR A OH   1 
ATOM   399 N  N    . ASP A 1 46 ? -6.54381  -4.04705  -8.72473  1.000 15.01580 ?  40  ASP A N    1 
ATOM   400 C  CA   . ASP A 1 46 ? -6.52730  -5.50579  -8.76184  1.000 16.91949 ?  40  ASP A CA   1 
ATOM   401 C  C    . ASP A 1 46 ? -7.10375  -5.96777  -10.09872 1.000 18.93419 ?  40  ASP A C    1 
ATOM   402 O  O    . ASP A 1 46 ? -7.35316  -5.16262  -10.99864 1.000 17.62727 ?  40  ASP A O    1 
ATOM   403 C  CB   . ASP A 1 46 ? -7.17574  -6.11353  -7.51460  1.000 18.65037 ?  40  ASP A CB   1 
ATOM   404 C  CG   . ASP A 1 46 ? -8.69098  -5.95417  -7.46464  1.000 22.28968 ?  40  ASP A CG   1 
ATOM   405 O  OD1  . ASP A 1 46 ? -9.31075  -5.51167  -8.45760  1.000 19.88729 ?  40  ASP A OD1  1 
ATOM   406 O  OD2  . ASP A 1 46 ? -9.26490  -6.27135  -6.39770  1.000 24.54890 -1 40  ASP A OD2  1 
ATOM   407 N  N    . GLU A 1 47 ? -7.33386  -7.27859  -10.24378 1.000 19.93729 ?  41  GLU A N    1 
ATOM   408 C  CA   . GLU A 1 47 ? -7.75768  -7.83278  -11.52395 1.000 22.43427 ?  41  GLU A CA   1 
ATOM   409 C  C    . GLU A 1 47 ? -9.15348  -7.38074  -11.93004 1.000 19.74629 ?  41  GLU A C    1 
ATOM   410 O  O    . GLU A 1 47 ? -9.49515  -7.47086  -13.11581 1.000 22.78333 ?  41  GLU A O    1 
ATOM   411 C  CB   . GLU A 1 47 ? -7.70897  -9.36309  -11.47188 1.000 26.50781 ?  41  GLU A CB   1 
ATOM   412 C  CG   . GLU A 1 47 ? -8.75468  -9.96563  -10.55522 1.000 29.04624 ?  41  GLU A CG   1 
ATOM   413 C  CD   . GLU A 1 47 ? -8.70292  -11.47880 -10.51992 1.000 35.55411 ?  41  GLU A CD   1 
ATOM   414 O  OE1  . GLU A 1 47 ? -7.85458  -12.06225 -11.22570 1.000 39.45438 ?  41  GLU A OE1  1 
ATOM   415 O  OE2  . GLU A 1 47 ? -9.51996  -12.08237 -9.79164  1.000 43.13293 -1 41  GLU A OE2  1 
ATOM   416 N  N    . LYS A 1 48 ? -9.95971  -6.90038  -10.98746 1.000 18.89853 ?  42  LYS A N    1 
ATOM   417 C  CA   . LYS A 1 48 ? -11.26906 -6.33885  -11.29190 1.000 19.91585 ?  42  LYS A CA   1 
ATOM   418 C  C    . LYS A 1 48 ? -11.25172 -4.81852  -11.32684 1.000 17.65571 ?  42  LYS A C    1 
ATOM   419 O  O    . LYS A 1 48 ? -12.31043 -4.19478  -11.43796 1.000 17.55752 ?  42  LYS A O    1 
ATOM   420 C  CB   . LYS A 1 48 ? -12.32245 -6.85190  -10.31107 1.000 23.22982 ?  42  LYS A CB   1 
ATOM   421 C  CG   . LYS A 1 48 ? -12.31509 -6.19491  -8.96303  1.000 27.43245 ?  42  LYS A CG   1 
ATOM   422 C  CD   . LYS A 1 48 ? -12.10405 -7.22342  -7.86071  1.000 30.56787 ?  42  LYS A CD   1 
ATOM   423 C  CE   . LYS A 1 48 ? -13.35645 -8.05770  -7.64344  1.000 31.92916 ?  42  LYS A CE   1 
ATOM   424 N  NZ   . LYS A 1 48 ? -13.10323 -9.17528  -6.69352  1.000 38.47545 ?  42  LYS A NZ   1 
ATOM   425 N  N    . ALA A 1 49 ? -10.06709 -4.21242  -11.23451 1.000 15.24548 ?  43  ALA A N    1 
ATOM   426 C  CA   . ALA A 1 49 ? -9.88447  -2.76240  -11.21579 1.000 14.22546 ?  43  ALA A CA   1 
ATOM   427 C  C    . ALA A 1 49 ? -10.34488 -2.11535  -9.91938  1.000 13.52940 ?  43  ALA A C    1 
ATOM   428 O  O    . ALA A 1 49 ? -10.60696 -0.90945  -9.88640  1.000 15.51389 ?  43  ALA A O    1 
ATOM   429 C  CB   . ALA A 1 49 ? -10.47883 -2.05003  -12.44465 1.000 15.00287 ?  43  ALA A CB   1 
ATOM   430 N  N    . ASN A 1 50 ? -10.43586 -2.86877  -8.82877  1.000 15.18105 ?  44  ASN A N    1 
ATOM   431 C  CA   . ASN A 1 50 ? -10.66762 -2.24609  -7.53884  1.000 16.28542 ?  44  ASN A CA   1 
ATOM   432 C  C    . ASN A 1 50 ? -9.33043  -1.82877  -6.93429  1.000 15.65187 ?  44  ASN A C    1 
ATOM   433 O  O    . ASN A 1 50 ? -8.34021  -2.56097  -7.01107  1.000 15.98795 ?  44  ASN A O    1 
ATOM   434 C  CB   . ASN A 1 50 ? -11.43964 -3.18883  -6.61630  1.000 20.90690 ?  44  ASN A CB   1 
ATOM   435 C  CG   . ASN A 1 50 ? -12.90976 -3.31415  -7.02921  1.000 23.65351 ?  44  ASN A CG   1 
ATOM   436 O  OD1  . ASN A 1 50 ? -13.54463 -2.32256  -7.39080  1.000 28.35598 ?  44  ASN A OD1  1 
ATOM   437 N  ND2  . ASN A 1 50 ? -13.44667 -4.51841  -6.96173  1.000 29.92207 ?  44  ASN A ND2  1 
ATOM   438 N  N    . LEU A 1 51 ? -9.30080  -0.62420  -6.39121  1.000 14.71081 ?  45  LEU A N    1 
ATOM   439 C  CA   . LEU A 1 51 ? -8.06670  -0.05679  -5.85705  1.000 15.55526 ?  45  LEU A CA   1 
ATOM   440 C  C    . LEU A 1 51 ? -7.81000  -0.52911  -4.43484  1.000 15.88986 ?  45  LEU A C    1 
ATOM   441 O  O    . LEU A 1 51 ? -8.72819  -0.64273  -3.61509  1.000 17.93647 ?  45  LEU A O    1 
ATOM   442 C  CB   . LEU A 1 51 ? -8.16001  1.46295   -5.83392  1.000 16.77453 ?  45  LEU A CB   1 
ATOM   443 C  CG   . LEU A 1 51 ? -7.91301  2.18704   -7.14820  1.000 16.89512 ?  45  LEU A CG   1 
ATOM   444 C  CD1  . LEU A 1 51 ? -8.18017  3.66746   -6.95077  1.000 19.88139 ?  45  LEU A CD1  1 
ATOM   445 C  CD2  . LEU A 1 51 ? -6.50073  1.97561   -7.65277  1.000 15.64694 ?  45  LEU A CD2  1 
ATOM   446 N  N    . GLN A 1 52 ? -6.53305  -0.77180  -4.13485  1.000 14.72866 ?  46  GLN A N    1 
ATOM   447 C  CA   . GLN A 1 52 ? -6.08702  -1.06596  -2.78026  1.000 15.57145 ?  46  GLN A CA   1 
ATOM   448 C  C    . GLN A 1 52 ? -4.77196  -0.34106  -2.55376  1.000 13.88993 ?  46  GLN A C    1 
ATOM   449 O  O    . GLN A 1 52 ? -3.95191  -0.22157  -3.46579  1.000 13.87290 ?  46  GLN A O    1 
ATOM   450 C  CB   . GLN A 1 52 ? -5.83313  -2.55727  -2.57764  1.000 16.41726 ?  46  GLN A CB   1 
ATOM   451 C  CG   . GLN A 1 52 ? -7.03745  -3.45092  -2.86325  1.000 19.22762 ?  46  GLN A CG   1 
ATOM   452 C  CD   . GLN A 1 52 ? -6.64922  -4.90569  -2.83944  1.000 21.92950 ?  46  GLN A CD   1 
ATOM   453 O  OE1  . GLN A 1 52 ? -5.85263  -5.35774  -3.65980  1.000 22.66359 ?  46  GLN A OE1  1 
ATOM   454 N  NE2  . GLN A 1 52 ? -7.18162  -5.64486  -1.87130  1.000 24.49936 ?  46  GLN A NE2  1 
ATOM   455 N  N    . CYS A 1 53 ? -4.58256  0.12383   -1.32397  1.000 13.78607 ?  47  CYS A N    1 
ATOM   456 C  CA   . CYS A 1 53 ? -3.28724  0.65374   -0.90491  1.000 12.17648 ?  47  CYS A CA   1 
ATOM   457 C  C    . CYS A 1 53 ? -2.39254  -0.50977  -0.48742  1.000 13.05815 ?  47  CYS A C    1 
ATOM   458 O  O    . CYS A 1 53 ? -2.77846  -1.31608  0.37042   1.000 13.51005 ?  47  CYS A O    1 
ATOM   459 C  CB   . CYS A 1 53 ? -3.48067  1.62947   0.25097   1.000 12.99657 ?  47  CYS A CB   1 
ATOM   460 S  SG   . CYS A 1 53 ? -1.94322  2.17040   1.06552   1.000 12.82945 ?  47  CYS A SG   1 
ATOM   461 N  N    . ILE A 1 54 ? -1.23824  -0.63984  -1.13442  1.000 12.10021 ?  48  ILE A N    1 
ATOM   462 C  CA   . ILE A 1 54 ? -0.34934  -1.77855  -0.92149  1.000 12.84979 ?  48  ILE A CA   1 
ATOM   463 C  C    . ILE A 1 54 ? 0.99129   -1.27477  -0.42640  1.000 12.13194 ?  48  ILE A C    1 
ATOM   464 O  O    . ILE A 1 54 ? 1.67380   -0.49812  -1.10909  1.000 12.58242 ?  48  ILE A O    1 
ATOM   465 C  CB   . ILE A 1 54 ? -0.19027  -2.63644  -2.18494  1.000 12.76683 ?  48  ILE A CB   1 
ATOM   466 C  CG1  . ILE A 1 54 ? -1.58569  -3.02947  -2.70679  1.000 15.60563 ?  48  ILE A CG1  1 
ATOM   467 C  CG2  . ILE A 1 54 ? 0.69053   -3.86030  -1.88638  1.000 15.03453 ?  48  ILE A CG2  1 
ATOM   468 C  CD1  . ILE A 1 54 ? -1.60068  -4.08454  -3.81557  1.000 18.48888 ?  48  ILE A CD1  1 
ATOM   469 N  N    . CYS A 1 55 ? 1.37745   -1.72960  0.75528   1.000 10.98726 ?  49  CYS A N    1 
ATOM   470 C  CA   . CYS A 1 55 ? 2.66020   -1.34252  1.31452   1.000 11.83353 ?  49  CYS A CA   1 
ATOM   471 C  C    . CYS A 1 55 ? 3.74468   -2.28843  0.83618   1.000 12.06664 ?  49  CYS A C    1 
ATOM   472 O  O    . CYS A 1 55 ? 3.49813   -3.46237  0.54783   1.000 12.62203 ?  49  CYS A O    1 
ATOM   473 C  CB   . CYS A 1 55 ? 2.58921   -1.37230  2.83717   1.000 13.44430 ?  49  CYS A CB   1 
ATOM   474 S  SG   . CYS A 1 55 ? 1.25398   -0.32845  3.55675   1.000 13.25453 ?  49  CYS A SG   1 
ATOM   475 N  N    . ASP A 1 56 ? 4.96302   -1.77127  0.76921   1.000 11.49507 ?  50  ASP A N    1 
ATOM   476 C  CA   . ASP A 1 56 ? 6.11651   -2.51651  0.30523   1.000 11.82640 ?  50  ASP A CA   1 
ATOM   477 C  C    . ASP A 1 56 ? 7.19738   -2.44395  1.37287   1.000 12.30186 ?  50  ASP A C    1 
ATOM   478 O  O    . ASP A 1 56 ? 7.57231   -1.35369  1.82418   1.000 12.44807 ?  50  ASP A O    1 
ATOM   479 C  CB   . ASP A 1 56 ? 6.63156   -1.97108  -1.02929  1.000 14.09936 ?  50  ASP A CB   1 
ATOM   480 C  CG   . ASP A 1 56 ? 7.51388   -2.96091  -1.75971  1.000 16.99372 ?  50  ASP A CG   1 
ATOM   481 O  OD1  . ASP A 1 56 ? 8.39352   -3.59199  -1.15343  1.000 16.35063 ?  50  ASP A OD1  1 
ATOM   482 O  OD2  . ASP A 1 56 ? 7.31738   -3.14446  -2.98129  1.000 20.75160 -1 50  ASP A OD2  1 
ATOM   483 N  N    . TYR A 1 57 ? 7.68837   -3.61003  1.77695   1.000 11.56812 ?  51  TYR A N    1 
ATOM   484 C  CA   . TYR A 1 57 ? 8.65224   -3.74908  2.85673   1.000 11.79846 ?  51  TYR A CA   1 
ATOM   485 C  C    . TYR A 1 57 ? 10.05208  -4.04096  2.34386   1.000 13.60094 ?  51  TYR A C    1 
ATOM   486 O  O    . TYR A 1 57 ? 10.96144  -4.29103  3.14352   1.000 14.33599 ?  51  TYR A O    1 
ATOM   487 C  CB   . TYR A 1 57 ? 8.16044   -4.82261  3.83459   1.000 13.58510 ?  51  TYR A CB   1 
ATOM   488 C  CG   . TYR A 1 57 ? 6.79775   -4.46640  4.39576   1.000 13.33685 ?  51  TYR A CG   1 
ATOM   489 C  CD1  . TYR A 1 57 ? 5.62635   -4.82527  3.73979   1.000 13.96845 ?  51  TYR A CD1  1 
ATOM   490 C  CD2  . TYR A 1 57 ? 6.69892   -3.72631  5.56105   1.000 13.48468 ?  51  TYR A CD2  1 
ATOM   491 C  CE1  . TYR A 1 57 ? 4.39249   -4.45983  4.24188   1.000 14.39591 ?  51  TYR A CE1  1 
ATOM   492 C  CE2  . TYR A 1 57 ? 5.47136   -3.36408  6.08305   1.000 12.48460 ?  51  TYR A CE2  1 
ATOM   493 C  CZ   . TYR A 1 57 ? 4.31829   -3.73008  5.42144   1.000 13.43434 ?  51  TYR A CZ   1 
ATOM   494 O  OH   . TYR A 1 57 ? 3.10095   -3.35934  5.95170   1.000 15.22804 ?  51  TYR A OH   1 
ATOM   495 N  N    . CYS A 1 58 ? 10.25633  -3.95428  1.03970   1.000 12.94394 ?  52  CYS A N    1 
ATOM   496 C  CA   . CYS A 1 58 ? 11.54034  -4.21999  0.40956   1.000 13.96016 ?  52  CYS A CA   1 
ATOM   497 C  C    . CYS A 1 58 ? 12.13823  -2.95498  -0.19173  1.000 15.44233 ?  52  CYS A C    1 
ATOM   498 O  O    . CYS A 1 58 ? 11.43340  -1.98788  -0.49539  1.000 16.92333 ?  52  CYS A O    1 
ATOM   499 C  CB   . CYS A 1 58 ? 11.37914  -5.27868  -0.68719  1.000 15.74223 ?  52  CYS A CB   1 
ATOM   500 S  SG   . CYS A 1 58 ? 11.01410  -6.89619  0.00356   1.000 19.36131 ?  52  CYS A SG   1 
ATOM   501 N  N    . GLU A 1 59 ? 13.46109  -2.98391  -0.35545  1.000 16.54004 ?  53  GLU A N    1 
ATOM   502 C  CA   . GLU A 1 59 ? 14.21617  -1.94944  -1.05024  1.000 19.31531 ?  53  GLU A CA   1 
ATOM   503 C  C    . GLU A 1 59 ? 14.41310  -2.34812  -2.50764  1.000 21.04424 ?  53  GLU A C    1 
ATOM   504 O  O    . GLU A 1 59 ? 14.50007  -3.53431  -2.83510  1.000 20.35042 ?  53  GLU A O    1 
ATOM   505 C  CB   . GLU A 1 59 ? 15.60660  -1.79406  -0.42664  1.000 21.04851 ?  53  GLU A CB   1 
ATOM   506 C  CG   . GLU A 1 59 ? 15.63849  -1.71521  1.08582   1.000 25.66583 ?  53  GLU A CG   1 
ATOM   507 C  CD   . GLU A 1 59 ? 17.05751  -1.77774  1.63759   1.000 30.42205 ?  53  GLU A CD   1 
ATOM   508 O  OE1  . GLU A 1 59 ? 18.01393  -1.64136  0.84461   1.000 35.72961 ?  53  GLU A OE1  1 
ATOM   509 O  OE2  . GLU A 1 59 ? 17.21830  -1.96507  2.86099   1.000 36.32633 -1 53  GLU A OE2  1 
ATOM   510 N  N    . TYR A 1 60 ? 14.51642  -1.34364  -3.37841  1.000 22.27015 ?  54  TYR A N    1 
ATOM   511 C  CA   . TYR A 1 60 ? 14.68013  -1.55648  -4.81561  1.000 25.10411 ?  54  TYR A CA   1 
ATOM   512 C  C    . TYR A 1 60 ? 15.96617  -0.91151  -5.33523  1.000 29.82679 ?  54  TYR A C    1 
ATOM   513 O  O    . TYR A 1 60 ? 15.99370  0.28192   -5.63444  1.000 34.49089 ?  54  TYR A O    1 
ATOM   514 C  CB   . TYR A 1 60 ? 13.46858  -1.00245  -5.56825  1.000 24.83124 ?  54  TYR A CB   1 
ATOM   515 C  CG   . TYR A 1 60 ? 12.22611  -1.81242  -5.32144  1.000 23.08260 ?  54  TYR A CG   1 
ATOM   516 C  CD1  . TYR A 1 60 ? 11.54946  -1.73997  -4.10569  1.000 23.57930 ?  54  TYR A CD1  1 
ATOM   517 C  CD2  . TYR A 1 60 ? 11.74291  -2.67732  -6.29161  1.000 23.55961 ?  54  TYR A CD2  1 
ATOM   518 C  CE1  . TYR A 1 60 ? 10.42037  -2.50342  -3.87081  1.000 22.40338 ?  54  TYR A CE1  1 
ATOM   519 C  CE2  . TYR A 1 60 ? 10.62208  -3.43380  -6.07087  1.000 23.85762 ?  54  TYR A CE2  1 
ATOM   520 C  CZ   . TYR A 1 60 ? 9.96060   -3.34690  -4.85923  1.000 22.30817 ?  54  TYR A CZ   1 
ATOM   521 O  OH   . TYR A 1 60 ? 8.84146   -4.11331  -4.64675  1.000 24.34075 ?  54  TYR A OH   1 
HETATM 522 NA NA   . NA  B 2 .  ? 1.42685   9.47669   -5.14355  1.000 29.11548 ?  101 NA  A NA   1 
HETATM 523 O  O    . HOH C 3 .  ? -8.06413  -7.55954  -4.58927  1.000 32.97980 ?  201 HOH A O    1 
HETATM 524 O  O    . HOH C 3 .  ? -11.13686 -1.51344  -3.34945  1.000 29.07963 ?  202 HOH A O    1 
HETATM 525 O  O    . HOH C 3 .  ? 12.41804  -9.02657  3.33473   1.000 25.09221 ?  203 HOH A O    1 
HETATM 526 O  O    . HOH C 3 .  ? 9.92932   0.16725   -1.41339  1.000 19.50933 ?  204 HOH A O    1 
HETATM 527 O  O    . HOH C 3 .  ? 11.93828  3.99270   2.03978   1.000 27.78005 ?  205 HOH A O    1 
HETATM 528 O  O    . HOH C 3 .  ? -0.33094  8.07627   8.95796   1.000 22.14016 ?  206 HOH A O    1 
HETATM 529 O  O    . HOH C 3 .  ? -4.82238  -4.18776  -5.78757  1.000 21.68095 ?  207 HOH A O    1 
HETATM 530 O  O    . HOH C 3 .  ? 4.09515   8.42711   -3.83243  1.000 26.21210 ?  208 HOH A O    1 
HETATM 531 O  O    . HOH C 3 .  ? 4.13071   -3.31363  9.89818   0.50  17.09522 ?  209 HOH A O    1 
HETATM 532 O  O    . HOH C 3 .  ? 3.85998   3.09620   13.28255  1.000 21.72853 ?  210 HOH A O    1 
HETATM 533 O  O    . HOH C 3 .  ? -9.63877  4.85151   -11.48759 1.000 19.35278 ?  211 HOH A O    1 
HETATM 534 O  O    . HOH C 3 .  ? 1.95173   -10.02867 2.09873   1.000 28.40614 ?  212 HOH A O    1 
HETATM 535 O  O    . HOH C 3 .  ? 11.33931  -13.01644 -0.12031  1.000 18.54872 ?  213 HOH A O    1 
HETATM 536 O  O    . HOH C 3 .  ? -10.29242 5.93884   -4.44499  1.000 27.30427 ?  214 HOH A O    1 
HETATM 537 O  O    . HOH C 3 .  ? 8.31319   5.94486   -1.31626  1.000 21.70183 ?  215 HOH A O    1 
HETATM 538 O  O    . HOH C 3 .  ? 5.37634   13.49738  8.97434   1.000 23.59852 ?  216 HOH A O    1 
HETATM 539 O  O    . HOH C 3 .  ? 2.61068   -4.65282  8.30283   1.000 20.20669 ?  217 HOH A O    1 
HETATM 540 O  O    . HOH C 3 .  ? 6.89127   2.92004   15.89583  1.000 24.26450 ?  218 HOH A O    1 
HETATM 541 O  O    . HOH C 3 .  ? 0.63932   -3.63392  4.77129   1.000 16.48774 ?  219 HOH A O    1 
HETATM 542 O  O    . HOH C 3 .  ? -1.85156  7.75467   -2.57837  1.000 17.48787 ?  220 HOH A O    1 
HETATM 543 O  O    . HOH C 3 .  ? -3.51603  -7.28380  4.35618   1.000 26.44093 ?  221 HOH A O    1 
HETATM 544 O  O    . HOH C 3 .  ? -4.52402  -1.85183  9.02218   1.000 25.04523 ?  222 HOH A O    1 
HETATM 545 O  O    . HOH C 3 .  ? 0.97691   7.10546   -2.34969  1.000 15.23171 ?  223 HOH A O    1 
HETATM 546 O  O    . HOH C 3 .  ? 3.55700   -15.74240 2.75518   1.000 27.86541 ?  224 HOH A O    1 
HETATM 547 O  O    . HOH C 3 .  ? 5.55948   1.05408   -3.35161  1.000 17.81320 ?  225 HOH A O    1 
HETATM 548 O  O    . HOH C 3 .  ? -4.40312  -7.74135  -3.99673  1.000 32.80737 ?  226 HOH A O    1 
HETATM 549 O  O    . HOH C 3 .  ? -13.83460 -2.04347  -10.40670 1.000 19.86032 ?  227 HOH A O    1 
HETATM 550 O  O    . HOH C 3 .  ? 7.01231   4.32215   11.43512  1.000 16.04613 ?  228 HOH A O    1 
HETATM 551 O  O    . HOH C 3 .  ? -5.99161  -1.17848  0.85036   1.000 17.11847 ?  229 HOH A O    1 
HETATM 552 O  O    . HOH C 3 .  ? -11.78958 -7.55260  -14.88863 1.000 25.75208 ?  230 HOH A O    1 
HETATM 553 O  O    . HOH C 3 .  ? -4.08839  13.97044  3.92403   1.000 36.46366 ?  231 HOH A O    1 
HETATM 554 O  O    . HOH C 3 .  ? -0.17003  7.61428   -5.23975  1.000 22.87767 ?  232 HOH A O    1 
HETATM 555 O  O    . HOH C 3 .  ? 9.84547   -2.07835  5.64056   1.000 24.27953 ?  233 HOH A O    1 
HETATM 556 O  O    . HOH C 3 .  ? 5.69098   -11.82412 4.48494   1.000 18.19694 ?  234 HOH A O    1 
HETATM 557 O  O    . HOH C 3 .  ? 4.99022   -9.40843  -2.75504  1.000 20.03557 ?  235 HOH A O    1 
HETATM 558 O  O    . HOH C 3 .  ? -1.73322  -8.71095  0.84569   1.000 21.20864 ?  236 HOH A O    1 
HETATM 559 O  O    . HOH C 3 .  ? 3.78319   -18.85077 2.48712   1.000 27.91963 ?  237 HOH A O    1 
HETATM 560 O  O    . HOH C 3 .  ? 0.29563   -5.77070  8.76684   1.000 21.94351 ?  238 HOH A O    1 
HETATM 561 O  O    . HOH C 3 .  ? 7.75005   -3.11225  8.85649   0.50  19.35634 ?  239 HOH A O    1 
HETATM 562 O  O    . HOH C 3 .  ? -8.21772  -4.80379  3.26565   1.000 31.85470 ?  240 HOH A O    1 
HETATM 563 O  O    . HOH C 3 .  ? 12.89026  7.60559   3.71876   1.000 18.48208 ?  241 HOH A O    1 
HETATM 564 O  O    . HOH C 3 .  ? 4.75643   -20.11677 1.85974   1.000 32.72854 ?  242 HOH A O    1 
HETATM 565 O  O    . HOH C 3 .  ? -1.63221  -4.25817  6.95486   1.000 12.98289 ?  243 HOH A O    1 
HETATM 566 O  O    . HOH C 3 .  ? -1.83712  7.25276   -5.32390  1.000 25.46554 ?  244 HOH A O    1 
HETATM 567 O  O    . HOH C 3 .  ? 13.97942  1.78025   0.95801   1.000 34.64333 ?  245 HOH A O    1 
HETATM 568 O  O    . HOH C 3 .  ? -3.66891  -7.82372  -9.38161  1.000 32.56171 ?  246 HOH A O    1 
HETATM 569 O  O    . HOH C 3 .  ? 1.81243   16.13092  7.62453   1.000 37.85087 ?  247 HOH A O    1 
HETATM 570 O  O    . HOH C 3 .  ? -11.96671 3.90679   -5.49704  1.000 29.94403 ?  248 HOH A O    1 
HETATM 571 O  O    . HOH C 3 .  ? -0.33741  -7.17834  -5.48728  1.000 41.45393 ?  249 HOH A O    1 
# 
